data_6CZE
#
_entry.id   6CZE
#
_cell.length_a   54.410
_cell.length_b   105.000
_cell.length_c   153.980
_cell.angle_alpha   90.000
_cell.angle_beta   90.000
_cell.angle_gamma   90.000
#
_symmetry.space_group_name_H-M   'P 21 21 21'
#
loop_
_entity.id
_entity.type
_entity.pdbx_description
1 polymer 'ATP-dependent dethiobiotin synthetase BioD'
2 non-polymer "INOSINE 5'-TRIPHOSPHATE"
3 non-polymer 'MAGNESIUM ION'
4 water water
#
_entity_poly.entity_id   1
_entity_poly.type   'polypeptide(L)'
_entity_poly.pdbx_seq_one_letter_code
;MGHHHHHHGGTILVVTGTGTGVGKTVVCAALASAARQAGIDVAVCKPVQTGTARGDDDLAEVGRLAGVTQLAGLARYPQP
MAPAAAAEHAGMALPARDQIVRLIADLDRPGRLTLVEGAGGLLVELAEPGVTLRDVAVDVAAAALVVVTADLGTLNHTKL
TLEALAAQQVSCAGLVIGSWPDPPGLVAASNRSALARIAMVRAALPAGAASLDAGDFAAMSAAAFDRNWVAGLVG
;
_entity_poly.pdbx_strand_id   A,B,C,D
#
# COMPACT_ATOMS: atom_id res chain seq x y z
N HIS A 8 12.91 -19.18 7.89
CA HIS A 8 12.51 -20.23 6.96
C HIS A 8 11.41 -19.76 6.02
N GLY A 9 10.59 -20.70 5.59
CA GLY A 9 9.48 -20.43 4.70
C GLY A 9 9.80 -20.12 3.26
N GLY A 10 8.85 -20.43 2.38
CA GLY A 10 8.86 -19.93 1.03
C GLY A 10 7.83 -18.84 0.86
N THR A 11 6.92 -18.98 -0.09
CA THR A 11 5.95 -17.93 -0.39
C THR A 11 4.56 -18.49 -0.16
N ILE A 12 3.80 -17.81 0.69
CA ILE A 12 2.40 -18.14 0.94
C ILE A 12 1.53 -17.05 0.35
N LEU A 13 0.58 -17.46 -0.49
CA LEU A 13 -0.42 -16.59 -1.11
C LEU A 13 -1.79 -17.13 -0.79
N VAL A 14 -2.60 -16.37 -0.06
CA VAL A 14 -4.02 -16.66 -0.08
C VAL A 14 -4.55 -16.21 -1.44
N VAL A 15 -5.39 -17.06 -2.02
CA VAL A 15 -6.12 -16.73 -3.23
C VAL A 15 -7.55 -16.48 -2.79
N THR A 16 -7.94 -15.21 -2.72
CA THR A 16 -9.27 -14.84 -2.29
C THR A 16 -10.07 -14.33 -3.49
N GLY A 17 -11.22 -13.73 -3.22
CA GLY A 17 -12.12 -13.33 -4.27
C GLY A 17 -13.10 -12.29 -3.80
N THR A 18 -13.65 -11.55 -4.77
CA THR A 18 -14.74 -10.63 -4.47
C THR A 18 -16.02 -11.35 -4.09
N GLY A 19 -16.10 -12.65 -4.32
CA GLY A 19 -17.30 -13.36 -3.93
C GLY A 19 -17.15 -14.86 -4.09
N THR A 20 -18.30 -15.52 -3.96
CA THR A 20 -18.46 -16.94 -4.24
C THR A 20 -18.56 -17.16 -5.75
N GLY A 21 -17.81 -18.13 -6.26
CA GLY A 21 -17.96 -18.56 -7.64
C GLY A 21 -17.31 -17.67 -8.68
N VAL A 22 -16.15 -17.09 -8.37
CA VAL A 22 -15.52 -16.12 -9.28
C VAL A 22 -14.33 -16.71 -10.04
N GLY A 23 -13.99 -17.96 -9.83
CA GLY A 23 -12.79 -18.52 -10.44
C GLY A 23 -11.60 -18.72 -9.51
N LYS A 24 -11.80 -18.69 -8.20
CA LYS A 24 -10.67 -18.87 -7.27
C LYS A 24 -9.93 -20.17 -7.57
N THR A 25 -10.65 -21.27 -7.74
CA THR A 25 -10.04 -22.59 -7.90
C THR A 25 -9.31 -22.72 -9.25
N VAL A 26 -9.94 -22.27 -10.34
CA VAL A 26 -9.26 -22.28 -11.64
C VAL A 26 -8.03 -21.37 -11.62
N VAL A 27 -8.06 -20.28 -10.86
CA VAL A 27 -6.89 -19.40 -10.79
C VAL A 27 -5.75 -20.05 -10.01
N CYS A 28 -6.07 -20.74 -8.90
CA CYS A 28 -5.04 -21.51 -8.20
C CYS A 28 -4.39 -22.50 -9.15
N ALA A 29 -5.20 -23.24 -9.91
CA ALA A 29 -4.70 -24.28 -10.79
C ALA A 29 -3.88 -23.69 -11.94
N ALA A 30 -4.28 -22.52 -12.43
CA ALA A 30 -3.50 -21.85 -13.47
C ALA A 30 -2.20 -21.27 -12.93
N LEU A 31 -2.22 -20.69 -11.73
CA LEU A 31 -0.96 -20.15 -11.22
C LEU A 31 -0.03 -21.27 -10.76
N ALA A 32 -0.60 -22.31 -10.15
CA ALA A 32 0.20 -23.50 -9.85
C ALA A 32 0.86 -24.02 -11.12
N SER A 33 0.09 -24.19 -12.20
CA SER A 33 0.62 -24.75 -13.45
C SER A 33 1.75 -23.89 -13.99
N ALA A 34 1.54 -22.58 -14.07
CA ALA A 34 2.58 -21.68 -14.54
C ALA A 34 3.82 -21.74 -13.65
N ALA A 35 3.62 -21.90 -12.34
CA ALA A 35 4.76 -21.94 -11.43
C ALA A 35 5.51 -23.26 -11.54
N ARG A 36 4.76 -24.36 -11.65
CA ARG A 36 5.37 -25.66 -11.94
C ARG A 36 6.20 -25.62 -13.23
N GLN A 37 5.68 -24.96 -14.27
CA GLN A 37 6.44 -24.91 -15.51
C GLN A 37 7.66 -24.01 -15.42
N ALA A 38 7.75 -23.21 -14.37
CA ALA A 38 8.92 -22.40 -14.08
C ALA A 38 9.92 -23.08 -13.14
N GLY A 39 9.72 -24.36 -12.82
CA GLY A 39 10.53 -25.07 -11.85
C GLY A 39 10.20 -24.82 -10.38
N ILE A 40 9.18 -24.02 -10.09
CA ILE A 40 8.81 -23.71 -8.71
C ILE A 40 8.00 -24.87 -8.13
N ASP A 41 8.38 -25.33 -6.95
CA ASP A 41 7.56 -26.33 -6.26
C ASP A 41 6.30 -25.64 -5.72
N VAL A 42 5.16 -26.31 -5.82
CA VAL A 42 3.86 -25.72 -5.55
C VAL A 42 3.06 -26.61 -4.60
N ALA A 43 2.53 -26.04 -3.54
CA ALA A 43 1.52 -26.70 -2.74
C ALA A 43 0.23 -25.89 -2.74
N VAL A 44 -0.91 -26.59 -2.73
CA VAL A 44 -2.21 -25.94 -2.70
C VAL A 44 -3.01 -26.49 -1.52
N CYS A 45 -3.66 -25.58 -0.82
CA CYS A 45 -4.30 -25.87 0.45
C CYS A 45 -5.73 -25.32 0.39
N LYS A 46 -6.73 -26.14 0.72
CA LYS A 46 -8.12 -25.74 0.85
C LYS A 46 -8.62 -26.09 2.25
N PRO A 47 -8.41 -25.21 3.25
CA PRO A 47 -8.71 -25.60 4.65
C PRO A 47 -10.18 -25.86 4.94
N VAL A 48 -11.12 -25.22 4.23
CA VAL A 48 -12.55 -25.40 4.46
C VAL A 48 -13.25 -25.69 3.13
N GLN A 49 -13.86 -26.86 3.03
CA GLN A 49 -14.54 -27.31 1.82
C GLN A 49 -16.00 -27.63 2.15
N THR A 50 -16.91 -26.86 1.58
CA THR A 50 -18.33 -27.15 1.70
C THR A 50 -18.83 -27.86 0.45
N GLY A 51 -20.09 -28.28 0.50
CA GLY A 51 -20.73 -28.85 -0.67
C GLY A 51 -20.23 -30.22 -1.11
N THR A 52 -19.66 -31.03 -0.20
CA THR A 52 -19.14 -32.32 -0.65
C THR A 52 -20.26 -33.25 -1.10
N ALA A 53 -21.44 -33.16 -0.47
CA ALA A 53 -22.57 -34.01 -0.83
C ALA A 53 -23.11 -33.73 -2.23
N ARG A 54 -22.67 -32.64 -2.88
CA ARG A 54 -22.95 -32.43 -4.29
C ARG A 54 -21.70 -32.57 -5.15
N GLY A 55 -20.59 -33.05 -4.57
CA GLY A 55 -19.38 -33.30 -5.32
C GLY A 55 -18.37 -32.18 -5.39
N ASP A 56 -18.56 -31.09 -4.65
CA ASP A 56 -17.60 -29.98 -4.67
C ASP A 56 -16.30 -30.44 -4.02
N ASP A 57 -15.20 -30.30 -4.77
CA ASP A 57 -13.88 -30.71 -4.28
C ASP A 57 -12.87 -29.84 -5.03
N ASP A 58 -12.53 -28.71 -4.44
CA ASP A 58 -11.64 -27.77 -5.11
C ASP A 58 -10.20 -28.29 -5.17
N LEU A 59 -9.76 -29.08 -4.19
CA LEU A 59 -8.42 -29.66 -4.29
C LEU A 59 -8.34 -30.65 -5.44
N ALA A 60 -9.36 -31.53 -5.57
CA ALA A 60 -9.37 -32.52 -6.65
C ALA A 60 -9.35 -31.85 -8.02
N GLU A 61 -10.03 -30.71 -8.15
CA GLU A 61 -10.01 -29.98 -9.41
C GLU A 61 -8.62 -29.38 -9.67
N VAL A 62 -7.94 -28.88 -8.63
CA VAL A 62 -6.61 -28.29 -8.85
C VAL A 62 -5.62 -29.36 -9.30
N GLY A 63 -5.69 -30.55 -8.68
CA GLY A 63 -4.87 -31.66 -9.13
C GLY A 63 -5.19 -32.11 -10.54
N ARG A 64 -6.46 -31.97 -10.94
N ARG A 64 -6.46 -31.97 -10.96
CA ARG A 64 -6.88 -32.30 -12.31
CA ARG A 64 -6.84 -32.32 -12.32
C ARG A 64 -6.22 -31.38 -13.32
C ARG A 64 -6.22 -31.38 -13.34
N LEU A 65 -6.56 -30.09 -13.25
CA LEU A 65 -6.13 -29.14 -14.27
C LEU A 65 -4.63 -28.92 -14.27
N ALA A 66 -3.98 -28.96 -13.10
CA ALA A 66 -2.56 -28.60 -13.02
C ALA A 66 -1.65 -29.75 -12.63
N GLY A 67 -2.19 -30.91 -12.29
CA GLY A 67 -1.34 -32.00 -11.87
C GLY A 67 -0.73 -31.85 -10.50
N VAL A 68 -1.06 -30.78 -9.76
CA VAL A 68 -0.45 -30.58 -8.44
C VAL A 68 -0.75 -31.80 -7.56
N THR A 69 0.27 -32.28 -6.86
CA THR A 69 0.14 -33.44 -6.00
C THR A 69 0.08 -33.06 -4.53
N GLN A 70 0.67 -31.92 -4.18
CA GLN A 70 0.75 -31.47 -2.80
C GLN A 70 -0.52 -30.67 -2.50
N LEU A 71 -1.58 -31.41 -2.15
CA LEU A 71 -2.92 -30.91 -1.92
C LEU A 71 -3.28 -31.18 -0.47
N ALA A 72 -3.64 -30.13 0.28
CA ALA A 72 -3.84 -30.23 1.72
C ALA A 72 -5.24 -29.73 2.10
N GLY A 73 -6.04 -30.61 2.71
CA GLY A 73 -7.34 -30.25 3.21
C GLY A 73 -7.42 -30.34 4.72
N LEU A 74 -8.57 -29.99 5.26
CA LEU A 74 -8.78 -30.07 6.71
C LEU A 74 -10.23 -30.35 7.01
N ALA A 75 -11.08 -29.33 6.93
CA ALA A 75 -12.50 -29.44 7.25
C ALA A 75 -13.31 -29.58 5.98
N ARG A 76 -14.23 -30.55 5.97
CA ARG A 76 -15.16 -30.82 4.86
C ARG A 76 -16.57 -30.98 5.41
N TYR A 77 -17.54 -30.36 4.72
CA TYR A 77 -18.95 -30.35 5.10
C TYR A 77 -19.82 -30.67 3.91
N PRO A 78 -20.87 -31.51 4.09
CA PRO A 78 -21.71 -31.92 2.94
C PRO A 78 -22.47 -30.79 2.23
N GLN A 79 -23.17 -29.88 2.99
CA GLN A 79 -24.12 -28.94 2.37
C GLN A 79 -23.40 -27.80 1.64
N PRO A 80 -23.91 -27.39 0.48
CA PRO A 80 -23.32 -26.26 -0.27
C PRO A 80 -23.83 -24.92 0.25
N MET A 81 -23.35 -24.59 1.44
CA MET A 81 -23.67 -23.40 2.20
C MET A 81 -22.37 -22.76 2.67
N ALA A 82 -22.48 -21.59 3.28
CA ALA A 82 -21.33 -21.00 3.96
C ALA A 82 -20.80 -21.97 5.01
N PRO A 83 -19.49 -21.94 5.27
CA PRO A 83 -18.92 -22.90 6.26
C PRO A 83 -19.65 -22.93 7.60
N ALA A 84 -19.98 -21.79 8.21
CA ALA A 84 -20.63 -21.83 9.51
C ALA A 84 -21.96 -22.57 9.42
N ALA A 85 -22.76 -22.25 8.39
CA ALA A 85 -24.06 -22.92 8.26
C ALA A 85 -23.88 -24.39 7.92
N ALA A 86 -23.02 -24.71 6.95
CA ALA A 86 -22.74 -26.11 6.59
C ALA A 86 -22.27 -26.95 7.79
N ALA A 87 -21.35 -26.41 8.60
CA ALA A 87 -20.90 -27.15 9.77
C ALA A 87 -22.03 -27.38 10.75
N GLU A 88 -22.82 -26.34 11.04
CA GLU A 88 -23.93 -26.49 11.98
C GLU A 88 -24.97 -27.47 11.44
N HIS A 89 -25.20 -27.49 10.12
CA HIS A 89 -26.13 -28.45 9.53
C HIS A 89 -25.66 -29.89 9.69
N ALA A 90 -24.35 -30.11 9.84
CA ALA A 90 -23.76 -31.44 9.97
C ALA A 90 -23.44 -31.81 11.42
N GLY A 91 -23.80 -30.97 12.38
CA GLY A 91 -23.47 -31.23 13.75
C GLY A 91 -22.02 -31.05 14.12
N MET A 92 -21.21 -30.52 13.21
CA MET A 92 -19.77 -30.38 13.40
C MET A 92 -19.42 -28.91 13.69
N ALA A 93 -18.24 -28.71 14.28
CA ALA A 93 -17.73 -27.37 14.50
C ALA A 93 -16.84 -26.92 13.35
N LEU A 94 -16.64 -25.61 13.24
CA LEU A 94 -15.58 -25.11 12.38
C LEU A 94 -14.23 -25.46 13.01
N PRO A 95 -13.17 -25.55 12.20
CA PRO A 95 -11.82 -25.69 12.78
C PRO A 95 -11.44 -24.45 13.59
N ALA A 96 -10.53 -24.65 14.53
CA ALA A 96 -9.96 -23.52 15.23
C ALA A 96 -8.99 -22.76 14.32
N ARG A 97 -8.75 -21.49 14.66
CA ARG A 97 -7.80 -20.65 13.93
C ARG A 97 -6.42 -21.32 13.81
N ASP A 98 -5.90 -21.86 14.92
CA ASP A 98 -4.55 -22.44 14.89
C ASP A 98 -4.50 -23.74 14.10
N GLN A 99 -5.64 -24.39 13.86
CA GLN A 99 -5.63 -25.59 13.01
C GLN A 99 -5.42 -25.22 11.54
N ILE A 100 -6.04 -24.14 11.08
CA ILE A 100 -5.78 -23.64 9.73
C ILE A 100 -4.33 -23.16 9.62
N VAL A 101 -3.85 -22.43 10.63
CA VAL A 101 -2.50 -21.89 10.57
C VAL A 101 -1.48 -23.03 10.52
N ARG A 102 -1.66 -24.03 11.38
CA ARG A 102 -0.73 -25.16 11.36
C ARG A 102 -0.77 -25.88 10.02
N LEU A 103 -1.96 -26.03 9.43
CA LEU A 103 -2.05 -26.71 8.15
C LEU A 103 -1.18 -26.01 7.10
N ILE A 104 -1.23 -24.67 7.10
CA ILE A 104 -0.49 -23.87 6.14
C ILE A 104 0.99 -23.86 6.48
N ALA A 105 1.33 -23.61 7.76
CA ALA A 105 2.73 -23.57 8.16
C ALA A 105 3.44 -24.90 7.88
N ASP A 106 2.75 -26.03 7.97
CA ASP A 106 3.47 -27.27 7.69
C ASP A 106 3.85 -27.36 6.21
N LEU A 107 3.06 -26.75 5.32
CA LEU A 107 3.36 -26.78 3.90
C LEU A 107 4.48 -25.82 3.52
N ASP A 108 4.61 -24.70 4.23
CA ASP A 108 5.60 -23.67 3.90
C ASP A 108 6.99 -24.28 3.82
N ARG A 109 7.77 -23.86 2.81
CA ARG A 109 9.10 -24.41 2.60
C ARG A 109 9.87 -23.46 1.70
N PRO A 110 11.13 -23.15 2.02
CA PRO A 110 11.94 -22.32 1.12
C PRO A 110 11.86 -22.82 -0.32
N GLY A 111 11.66 -21.88 -1.26
CA GLY A 111 11.55 -22.21 -2.66
C GLY A 111 10.21 -22.80 -3.09
N ARG A 112 9.25 -22.91 -2.18
CA ARG A 112 7.93 -23.40 -2.52
C ARG A 112 6.93 -22.26 -2.54
N LEU A 113 6.02 -22.31 -3.52
CA LEU A 113 4.87 -21.43 -3.56
C LEU A 113 3.68 -22.23 -3.03
N THR A 114 3.16 -21.84 -1.87
CA THR A 114 1.95 -22.45 -1.30
C THR A 114 0.78 -21.50 -1.52
N LEU A 115 -0.28 -22.02 -2.17
CA LEU A 115 -1.50 -21.27 -2.44
C LEU A 115 -2.63 -21.76 -1.54
N VAL A 116 -3.27 -20.83 -0.83
CA VAL A 116 -4.34 -21.13 0.11
C VAL A 116 -5.66 -20.59 -0.45
N GLU A 117 -6.61 -21.47 -0.74
CA GLU A 117 -7.93 -21.01 -1.16
C GLU A 117 -8.90 -20.98 0.02
N GLY A 118 -9.53 -19.83 0.23
CA GLY A 118 -10.57 -19.69 1.23
C GLY A 118 -11.91 -20.20 0.71
N ALA A 119 -12.96 -19.91 1.47
CA ALA A 119 -14.32 -20.25 1.07
C ALA A 119 -15.06 -18.95 0.74
N GLY A 120 -15.57 -18.83 -0.48
CA GLY A 120 -16.17 -17.58 -0.91
C GLY A 120 -15.18 -16.42 -0.87
N GLY A 121 -15.66 -15.28 -0.37
CA GLY A 121 -14.88 -14.07 -0.34
C GLY A 121 -14.17 -13.83 0.99
N LEU A 122 -13.45 -12.69 1.03
CA LEU A 122 -12.41 -12.49 2.04
C LEU A 122 -12.93 -12.56 3.48
N LEU A 123 -14.14 -12.06 3.73
CA LEU A 123 -14.59 -11.98 5.11
C LEU A 123 -15.50 -13.13 5.51
N VAL A 124 -15.57 -14.21 4.71
CA VAL A 124 -16.33 -15.38 5.14
C VAL A 124 -15.69 -16.00 6.37
N GLU A 125 -16.54 -16.37 7.35
CA GLU A 125 -16.01 -16.96 8.59
C GLU A 125 -15.58 -18.40 8.34
N LEU A 126 -14.30 -18.67 8.58
CA LEU A 126 -13.67 -19.98 8.39
C LEU A 126 -13.40 -20.72 9.68
N ALA A 127 -13.19 -20.00 10.78
CA ALA A 127 -12.91 -20.59 12.08
C ALA A 127 -13.67 -19.79 13.13
N GLU A 128 -14.02 -20.46 14.24
CA GLU A 128 -14.72 -19.71 15.27
C GLU A 128 -13.73 -18.94 16.15
N PRO A 129 -14.08 -17.74 16.61
CA PRO A 129 -15.30 -16.99 16.31
C PRO A 129 -15.05 -15.90 15.30
N GLY A 130 -15.72 -15.95 14.14
CA GLY A 130 -15.57 -14.92 13.13
C GLY A 130 -14.20 -14.80 12.53
N VAL A 131 -13.36 -15.84 12.63
CA VAL A 131 -12.04 -15.81 12.04
C VAL A 131 -12.17 -16.00 10.53
N THR A 132 -11.53 -15.12 9.76
CA THR A 132 -11.61 -15.13 8.30
C THR A 132 -10.25 -15.44 7.69
N LEU A 133 -10.26 -15.59 6.36
CA LEU A 133 -9.03 -15.78 5.59
C LEU A 133 -8.06 -14.61 5.77
N ARG A 134 -8.58 -13.40 5.99
CA ARG A 134 -7.70 -12.26 6.26
C ARG A 134 -6.93 -12.43 7.57
N ASP A 135 -7.59 -12.89 8.63
CA ASP A 135 -6.85 -13.20 9.86
C ASP A 135 -5.77 -14.24 9.60
N VAL A 136 -6.12 -15.30 8.87
CA VAL A 136 -5.16 -16.37 8.59
C VAL A 136 -3.99 -15.82 7.79
N ALA A 137 -4.28 -14.95 6.81
CA ALA A 137 -3.23 -14.32 6.03
C ALA A 137 -2.30 -13.51 6.93
N VAL A 138 -2.86 -12.88 7.97
CA VAL A 138 -2.06 -12.09 8.92
C VAL A 138 -1.13 -13.00 9.72
N ASP A 139 -1.64 -14.14 10.21
CA ASP A 139 -0.87 -15.05 11.04
C ASP A 139 0.32 -15.68 10.31
N VAL A 140 0.19 -15.93 9.00
CA VAL A 140 1.25 -16.58 8.25
C VAL A 140 2.03 -15.58 7.38
N ALA A 141 1.78 -14.28 7.55
CA ALA A 141 2.48 -13.23 6.80
C ALA A 141 2.36 -13.43 5.29
N ALA A 142 1.15 -13.73 4.84
CA ALA A 142 0.91 -13.97 3.42
C ALA A 142 0.32 -12.73 2.77
N ALA A 143 0.64 -12.55 1.51
CA ALA A 143 -0.04 -11.61 0.63
C ALA A 143 -1.21 -12.31 -0.04
N ALA A 144 -2.09 -11.53 -0.68
CA ALA A 144 -3.37 -12.01 -1.18
C ALA A 144 -3.52 -11.74 -2.66
N LEU A 145 -3.70 -12.79 -3.45
CA LEU A 145 -4.23 -12.67 -4.81
C LEU A 145 -5.77 -12.60 -4.77
N VAL A 146 -6.34 -11.63 -5.50
CA VAL A 146 -7.75 -11.30 -5.44
C VAL A 146 -8.39 -11.66 -6.78
N VAL A 147 -9.17 -12.73 -6.81
CA VAL A 147 -9.85 -13.12 -8.04
C VAL A 147 -11.15 -12.34 -8.16
N VAL A 148 -11.39 -11.76 -9.35
CA VAL A 148 -12.46 -10.81 -9.58
C VAL A 148 -13.14 -11.16 -10.90
N THR A 149 -14.38 -10.68 -11.06
CA THR A 149 -15.06 -10.82 -12.33
C THR A 149 -14.89 -9.56 -13.20
N ALA A 150 -15.31 -9.68 -14.45
CA ALA A 150 -15.46 -8.52 -15.31
C ALA A 150 -16.89 -8.01 -15.37
N ASP A 151 -17.86 -8.77 -14.85
CA ASP A 151 -19.26 -8.38 -14.85
C ASP A 151 -19.44 -7.08 -14.06
N LEU A 152 -20.62 -6.47 -14.21
CA LEU A 152 -20.89 -5.25 -13.47
C LEU A 152 -21.02 -5.57 -11.98
N GLY A 153 -20.70 -4.57 -11.15
CA GLY A 153 -20.50 -4.77 -9.72
C GLY A 153 -19.06 -5.07 -9.32
N THR A 154 -18.22 -5.49 -10.27
CA THR A 154 -16.87 -5.94 -9.95
C THR A 154 -16.03 -4.84 -9.31
N LEU A 155 -16.31 -3.58 -9.65
CA LEU A 155 -15.46 -2.50 -9.16
C LEU A 155 -15.71 -2.22 -7.67
N ASN A 156 -16.99 -2.14 -7.27
CA ASN A 156 -17.28 -1.89 -5.86
C ASN A 156 -16.82 -3.04 -4.99
N HIS A 157 -17.01 -4.29 -5.46
CA HIS A 157 -16.59 -5.44 -4.68
C HIS A 157 -15.07 -5.53 -4.58
N THR A 158 -14.37 -5.29 -5.68
CA THR A 158 -12.91 -5.24 -5.65
C THR A 158 -12.40 -4.16 -4.70
N LYS A 159 -12.95 -2.95 -4.81
CA LYS A 159 -12.49 -1.88 -3.94
C LYS A 159 -12.75 -2.21 -2.47
N LEU A 160 -13.93 -2.76 -2.15
CA LEU A 160 -14.20 -3.16 -0.77
C LEU A 160 -13.21 -4.22 -0.30
N THR A 161 -12.80 -5.12 -1.22
CA THR A 161 -11.90 -6.21 -0.86
C THR A 161 -10.48 -5.69 -0.62
N LEU A 162 -9.97 -4.87 -1.55
CA LEU A 162 -8.67 -4.23 -1.34
C LEU A 162 -8.67 -3.37 -0.09
N GLU A 163 -9.79 -2.72 0.22
CA GLU A 163 -9.80 -1.91 1.42
C GLU A 163 -9.68 -2.76 2.67
N ALA A 164 -10.42 -3.88 2.72
CA ALA A 164 -10.39 -4.70 3.94
C ALA A 164 -9.03 -5.37 4.15
N LEU A 165 -8.31 -5.67 3.06
CA LEU A 165 -6.95 -6.19 3.18
C LEU A 165 -6.02 -5.16 3.83
N ALA A 166 -6.03 -3.93 3.29
CA ALA A 166 -5.13 -2.88 3.75
C ALA A 166 -5.41 -2.48 5.19
N ALA A 167 -6.64 -2.67 5.65
CA ALA A 167 -6.97 -2.34 7.02
C ALA A 167 -6.28 -3.27 7.99
N GLN A 168 -5.81 -4.42 7.51
CA GLN A 168 -5.04 -5.35 8.32
C GLN A 168 -3.61 -5.51 7.79
N GLN A 169 -3.19 -4.62 6.88
N GLN A 169 -3.19 -4.63 6.87
CA GLN A 169 -1.82 -4.61 6.34
CA GLN A 169 -1.83 -4.62 6.36
C GLN A 169 -1.49 -5.93 5.65
C GLN A 169 -1.48 -5.92 5.64
N VAL A 170 -2.48 -6.54 5.03
CA VAL A 170 -2.28 -7.69 4.17
C VAL A 170 -2.02 -7.17 2.77
N SER A 171 -0.84 -7.49 2.22
CA SER A 171 -0.45 -6.93 0.94
C SER A 171 -1.20 -7.60 -0.21
N CYS A 172 -1.46 -6.84 -1.26
CA CYS A 172 -2.18 -7.34 -2.42
C CYS A 172 -1.19 -7.65 -3.54
N ALA A 173 -1.19 -8.89 -3.99
CA ALA A 173 -0.29 -9.35 -5.03
C ALA A 173 -0.85 -9.17 -6.43
N GLY A 174 -2.05 -8.59 -6.57
CA GLY A 174 -2.66 -8.32 -7.84
C GLY A 174 -4.04 -8.94 -7.93
N LEU A 175 -4.63 -8.81 -9.13
CA LEU A 175 -5.95 -9.33 -9.41
C LEU A 175 -5.87 -10.34 -10.54
N VAL A 176 -6.88 -11.20 -10.61
CA VAL A 176 -7.02 -12.12 -11.73
C VAL A 176 -8.51 -12.21 -12.08
N ILE A 177 -8.82 -12.07 -13.37
CA ILE A 177 -10.17 -12.25 -13.87
C ILE A 177 -10.41 -13.74 -14.05
N GLY A 178 -11.38 -14.27 -13.30
CA GLY A 178 -11.62 -15.71 -13.33
C GLY A 178 -12.20 -16.22 -14.64
N SER A 179 -12.99 -15.41 -15.34
CA SER A 179 -13.61 -15.85 -16.60
C SER A 179 -13.62 -14.69 -17.56
N TRP A 180 -12.85 -14.80 -18.63
CA TRP A 180 -12.75 -13.75 -19.63
C TRP A 180 -13.48 -14.22 -20.88
N PRO A 181 -14.51 -13.48 -21.31
CA PRO A 181 -15.27 -13.89 -22.49
C PRO A 181 -14.65 -13.33 -23.76
N ASP A 182 -14.68 -14.15 -24.81
CA ASP A 182 -14.08 -13.81 -26.09
C ASP A 182 -15.17 -13.72 -27.16
N PRO A 183 -15.42 -12.54 -27.75
CA PRO A 183 -14.75 -11.27 -27.41
C PRO A 183 -15.43 -10.57 -26.22
N PRO A 184 -14.81 -9.52 -25.70
CA PRO A 184 -15.43 -8.79 -24.57
C PRO A 184 -16.65 -7.97 -24.99
N GLY A 185 -17.10 -7.10 -24.08
CA GLY A 185 -18.18 -6.15 -24.34
C GLY A 185 -17.80 -4.80 -23.77
N LEU A 186 -18.71 -3.82 -23.76
CA LEU A 186 -18.31 -2.46 -23.37
C LEU A 186 -18.06 -2.36 -21.87
N VAL A 187 -18.93 -2.95 -21.05
CA VAL A 187 -18.69 -2.99 -19.61
C VAL A 187 -17.50 -3.89 -19.30
N ALA A 188 -17.52 -5.14 -19.80
CA ALA A 188 -16.43 -6.09 -19.63
C ALA A 188 -15.13 -5.65 -20.29
N ALA A 189 -15.12 -4.53 -21.01
CA ALA A 189 -13.89 -3.88 -21.41
C ALA A 189 -13.57 -2.68 -20.52
N SER A 190 -14.57 -1.84 -20.25
CA SER A 190 -14.33 -0.72 -19.36
C SER A 190 -14.01 -1.19 -17.95
N ASN A 191 -14.53 -2.35 -17.55
CA ASN A 191 -14.18 -2.90 -16.25
C ASN A 191 -12.72 -3.31 -16.21
N ARG A 192 -12.31 -4.20 -17.11
CA ARG A 192 -10.89 -4.58 -17.19
C ARG A 192 -10.00 -3.35 -17.28
N SER A 193 -10.41 -2.35 -18.06
CA SER A 193 -9.68 -1.08 -18.07
C SER A 193 -9.76 -0.39 -16.72
N ALA A 194 -10.93 -0.44 -16.08
CA ALA A 194 -11.07 0.18 -14.76
C ALA A 194 -10.37 -0.66 -13.68
N LEU A 195 -10.42 -1.98 -13.82
CA LEU A 195 -9.70 -2.86 -12.90
C LEU A 195 -8.20 -2.64 -13.01
N ALA A 196 -7.69 -2.66 -14.24
CA ALA A 196 -6.26 -2.44 -14.47
C ALA A 196 -5.81 -1.06 -14.03
N ARG A 197 -6.73 -0.14 -13.77
CA ARG A 197 -6.38 1.12 -13.11
C ARG A 197 -6.35 0.98 -11.60
N ILE A 198 -7.04 -0.01 -11.04
CA ILE A 198 -7.06 -0.20 -9.59
C ILE A 198 -5.85 -1.00 -9.11
N ALA A 199 -5.41 -1.98 -9.90
CA ALA A 199 -4.34 -2.88 -9.53
C ALA A 199 -3.95 -3.67 -10.77
N MET A 200 -2.92 -4.49 -10.65
CA MET A 200 -2.38 -5.16 -11.82
C MET A 200 -3.15 -6.43 -12.14
N VAL A 201 -3.58 -6.57 -13.39
CA VAL A 201 -4.23 -7.78 -13.84
C VAL A 201 -3.14 -8.76 -14.28
N ARG A 202 -2.83 -9.72 -13.39
CA ARG A 202 -1.83 -10.73 -13.65
C ARG A 202 -2.27 -11.72 -14.72
N ALA A 203 -3.56 -11.89 -14.94
CA ALA A 203 -4.10 -12.83 -15.90
C ALA A 203 -5.59 -12.57 -16.07
N ALA A 204 -6.14 -13.10 -17.17
CA ALA A 204 -7.57 -13.13 -17.45
C ALA A 204 -7.80 -14.49 -18.13
N LEU A 205 -8.15 -15.49 -17.34
CA LEU A 205 -8.24 -16.83 -17.89
C LEU A 205 -9.44 -16.93 -18.85
N PRO A 206 -9.22 -17.40 -20.08
CA PRO A 206 -10.34 -17.58 -21.02
C PRO A 206 -11.49 -18.32 -20.38
N ALA A 207 -12.71 -17.97 -20.81
CA ALA A 207 -13.89 -18.62 -20.26
C ALA A 207 -13.80 -20.11 -20.53
N GLY A 208 -14.26 -20.91 -19.56
CA GLY A 208 -14.23 -22.33 -19.75
C GLY A 208 -12.84 -22.93 -19.75
N ALA A 209 -11.86 -22.23 -19.18
CA ALA A 209 -10.58 -22.87 -18.87
C ALA A 209 -10.78 -24.12 -18.04
N ALA A 210 -11.75 -24.09 -17.10
CA ALA A 210 -12.01 -25.23 -16.23
C ALA A 210 -12.32 -26.52 -16.98
N SER A 211 -12.61 -26.45 -18.28
CA SER A 211 -12.87 -27.64 -19.10
C SER A 211 -11.71 -28.01 -20.01
N LEU A 212 -10.75 -27.10 -20.23
CA LEU A 212 -9.51 -27.44 -20.94
C LEU A 212 -8.87 -28.68 -20.31
N ASP A 213 -8.49 -29.63 -21.15
CA ASP A 213 -7.85 -30.84 -20.66
C ASP A 213 -6.43 -30.53 -20.19
N ALA A 214 -5.84 -31.52 -19.50
CA ALA A 214 -4.52 -31.35 -18.90
C ALA A 214 -3.56 -30.63 -19.84
N GLY A 215 -3.52 -31.07 -21.11
CA GLY A 215 -2.67 -30.46 -22.11
C GLY A 215 -2.90 -28.99 -22.33
N ASP A 216 -4.12 -28.62 -22.77
CA ASP A 216 -4.40 -27.24 -23.11
C ASP A 216 -4.36 -26.32 -21.89
N PHE A 217 -4.72 -26.84 -20.72
CA PHE A 217 -4.63 -26.04 -19.50
C PHE A 217 -3.20 -25.59 -19.24
N ALA A 218 -2.24 -26.52 -19.36
CA ALA A 218 -0.84 -26.18 -19.18
C ALA A 218 -0.41 -25.04 -20.11
N ALA A 219 -0.81 -25.12 -21.38
CA ALA A 219 -0.47 -24.08 -22.34
C ALA A 219 -1.20 -22.78 -22.03
N MET A 220 -2.51 -22.88 -21.74
CA MET A 220 -3.28 -21.71 -21.31
C MET A 220 -2.59 -21.00 -20.14
N SER A 221 -2.24 -21.77 -19.10
CA SER A 221 -1.67 -21.18 -17.88
C SER A 221 -0.37 -20.44 -18.14
N ALA A 222 0.50 -21.02 -18.97
CA ALA A 222 1.80 -20.41 -19.25
C ALA A 222 1.64 -19.05 -19.94
N ALA A 223 0.72 -18.97 -20.91
CA ALA A 223 0.45 -17.70 -21.57
C ALA A 223 -0.32 -16.73 -20.68
N ALA A 224 -1.21 -17.25 -19.82
CA ALA A 224 -2.06 -16.38 -19.00
C ALA A 224 -1.25 -15.50 -18.07
N PHE A 225 -0.12 -15.99 -17.58
CA PHE A 225 0.67 -15.27 -16.58
C PHE A 225 1.99 -14.80 -17.18
N ASP A 226 2.43 -13.63 -16.72
CA ASP A 226 3.75 -13.09 -17.08
C ASP A 226 4.81 -13.94 -16.42
N ARG A 227 5.43 -14.83 -17.22
CA ARG A 227 6.41 -15.79 -16.70
C ARG A 227 7.39 -15.14 -15.75
N ASN A 228 7.71 -13.86 -15.97
CA ASN A 228 8.61 -13.15 -15.08
C ASN A 228 7.98 -12.91 -13.71
N TRP A 229 6.69 -12.54 -13.66
CA TRP A 229 6.07 -12.23 -12.37
C TRP A 229 6.02 -13.46 -11.47
N VAL A 230 5.47 -14.57 -12.00
CA VAL A 230 5.50 -15.89 -11.39
C VAL A 230 6.85 -16.22 -10.74
N ALA A 231 7.90 -16.40 -11.55
CA ALA A 231 9.21 -16.73 -10.99
C ALA A 231 9.65 -15.71 -9.94
N GLY A 232 9.17 -14.47 -10.02
CA GLY A 232 9.52 -13.47 -9.02
C GLY A 232 8.89 -13.66 -7.64
N LEU A 233 7.90 -14.53 -7.51
CA LEU A 233 7.19 -14.67 -6.24
C LEU A 233 7.98 -15.44 -5.18
N VAL A 234 8.98 -16.23 -5.58
CA VAL A 234 9.71 -17.11 -4.67
C VAL A 234 11.17 -17.17 -5.07
N GLY A 235 12.06 -16.88 -4.13
CA GLY A 235 13.47 -17.10 -4.31
C GLY A 235 13.87 -18.52 -3.95
N GLY B 9 -31.65 21.12 10.77
CA GLY B 9 -31.72 19.89 10.00
C GLY B 9 -32.64 18.81 10.54
N GLY B 10 -33.05 17.92 9.65
CA GLY B 10 -33.81 16.71 9.99
C GLY B 10 -32.92 15.48 9.99
N THR B 11 -33.45 14.37 9.49
CA THR B 11 -32.67 13.13 9.40
C THR B 11 -32.34 12.79 7.95
N ILE B 12 -31.07 12.50 7.69
CA ILE B 12 -30.55 12.11 6.39
C ILE B 12 -30.01 10.69 6.49
N LEU B 13 -30.54 9.79 5.66
CA LEU B 13 -29.99 8.45 5.50
C LEU B 13 -29.55 8.26 4.06
N VAL B 14 -28.31 7.83 3.87
CA VAL B 14 -27.94 7.26 2.57
C VAL B 14 -28.42 5.81 2.57
N VAL B 15 -29.01 5.41 1.46
CA VAL B 15 -29.55 4.07 1.30
C VAL B 15 -28.63 3.38 0.32
N THR B 16 -27.66 2.64 0.83
CA THR B 16 -26.66 2.00 0.01
C THR B 16 -27.00 0.50 -0.09
N GLY B 17 -26.09 -0.25 -0.70
CA GLY B 17 -26.32 -1.67 -0.89
C GLY B 17 -25.00 -2.38 -1.10
N THR B 18 -25.07 -3.72 -1.02
CA THR B 18 -23.93 -4.60 -1.27
C THR B 18 -23.61 -4.74 -2.75
N GLY B 19 -24.48 -4.25 -3.63
CA GLY B 19 -24.22 -4.38 -5.05
C GLY B 19 -25.26 -3.68 -5.89
N THR B 20 -25.22 -3.99 -7.18
CA THR B 20 -26.19 -3.49 -8.14
C THR B 20 -27.39 -4.40 -8.18
N GLY B 21 -28.57 -3.82 -8.35
CA GLY B 21 -29.79 -4.61 -8.45
C GLY B 21 -30.16 -5.41 -7.23
N VAL B 22 -29.99 -4.83 -6.03
CA VAL B 22 -30.37 -5.48 -4.78
C VAL B 22 -31.63 -4.86 -4.17
N GLY B 23 -32.23 -3.88 -4.84
CA GLY B 23 -33.45 -3.28 -4.38
C GLY B 23 -33.33 -1.99 -3.60
N LYS B 24 -32.24 -1.24 -3.76
CA LYS B 24 -32.10 0.02 -3.02
C LYS B 24 -33.28 0.95 -3.27
N THR B 25 -33.72 1.07 -4.53
CA THR B 25 -34.82 1.97 -4.86
C THR B 25 -36.14 1.52 -4.24
N VAL B 26 -36.47 0.22 -4.34
CA VAL B 26 -37.74 -0.23 -3.76
C VAL B 26 -37.71 -0.06 -2.24
N VAL B 27 -36.52 -0.14 -1.62
CA VAL B 27 -36.40 0.07 -0.19
C VAL B 27 -36.54 1.55 0.17
N CYS B 28 -35.96 2.45 -0.64
CA CYS B 28 -36.24 3.88 -0.47
C CYS B 28 -37.75 4.12 -0.49
N ALA B 29 -38.39 3.67 -1.57
CA ALA B 29 -39.84 3.82 -1.69
C ALA B 29 -40.57 3.20 -0.50
N ALA B 30 -40.10 2.04 -0.02
CA ALA B 30 -40.81 1.37 1.08
C ALA B 30 -40.66 2.13 2.39
N LEU B 31 -39.44 2.56 2.71
CA LEU B 31 -39.22 3.35 3.92
C LEU B 31 -39.86 4.73 3.83
N ALA B 32 -39.88 5.32 2.63
CA ALA B 32 -40.58 6.60 2.48
C ALA B 32 -42.06 6.40 2.69
N SER B 33 -42.59 5.27 2.23
CA SER B 33 -44.01 5.00 2.38
C SER B 33 -44.38 4.73 3.84
N ALA B 34 -43.53 4.04 4.59
CA ALA B 34 -43.80 3.89 6.01
C ALA B 34 -43.72 5.23 6.73
N ALA B 35 -42.69 6.02 6.43
CA ALA B 35 -42.48 7.30 7.11
C ALA B 35 -43.62 8.26 6.85
N ARG B 36 -44.16 8.27 5.63
CA ARG B 36 -45.26 9.19 5.36
C ARG B 36 -46.48 8.81 6.17
N GLN B 37 -46.79 7.51 6.23
CA GLN B 37 -47.92 7.03 7.00
C GLN B 37 -47.74 7.25 8.50
N ALA B 38 -46.52 7.51 8.95
CA ALA B 38 -46.26 7.95 10.33
C ALA B 38 -46.25 9.47 10.46
N GLY B 39 -46.88 10.19 9.54
CA GLY B 39 -46.88 11.64 9.59
C GLY B 39 -45.54 12.34 9.38
N ILE B 40 -44.49 11.63 8.92
CA ILE B 40 -43.18 12.22 8.68
C ILE B 40 -43.12 12.79 7.26
N ASP B 41 -42.38 13.88 7.09
CA ASP B 41 -42.17 14.43 5.75
C ASP B 41 -40.90 13.83 5.15
N VAL B 42 -40.96 13.46 3.87
CA VAL B 42 -39.93 12.67 3.21
C VAL B 42 -39.48 13.36 1.92
N ALA B 43 -38.16 13.35 1.69
CA ALA B 43 -37.56 13.69 0.41
C ALA B 43 -36.58 12.60 0.02
N VAL B 44 -36.42 12.40 -1.29
CA VAL B 44 -35.46 11.45 -1.85
C VAL B 44 -34.61 12.20 -2.88
N CYS B 45 -33.29 12.12 -2.73
CA CYS B 45 -32.34 12.60 -3.71
C CYS B 45 -31.66 11.42 -4.40
N LYS B 46 -31.57 11.48 -5.73
CA LYS B 46 -30.81 10.53 -6.54
C LYS B 46 -29.91 11.36 -7.45
N PRO B 47 -28.72 11.73 -6.97
CA PRO B 47 -27.92 12.73 -7.71
C PRO B 47 -27.61 12.33 -9.14
N VAL B 48 -27.25 11.07 -9.38
CA VAL B 48 -26.88 10.60 -10.71
C VAL B 48 -27.74 9.42 -11.08
N GLN B 49 -28.46 9.54 -12.21
CA GLN B 49 -29.22 8.45 -12.82
C GLN B 49 -28.58 8.04 -14.14
N THR B 50 -28.31 6.75 -14.28
CA THR B 50 -27.85 6.17 -15.55
C THR B 50 -28.93 5.25 -16.13
N GLY B 51 -28.67 4.76 -17.33
CA GLY B 51 -29.61 3.89 -18.00
C GLY B 51 -30.91 4.54 -18.43
N THR B 52 -30.90 5.84 -18.71
CA THR B 52 -32.13 6.50 -19.11
C THR B 52 -32.62 6.07 -20.50
N ALA B 53 -31.73 5.58 -21.38
CA ALA B 53 -32.18 5.18 -22.71
C ALA B 53 -33.14 3.99 -22.62
N ARG B 54 -32.81 2.98 -21.82
CA ARG B 54 -33.78 1.93 -21.56
C ARG B 54 -34.86 2.38 -20.58
N GLY B 55 -34.77 3.61 -20.09
CA GLY B 55 -35.84 4.20 -19.31
C GLY B 55 -35.71 4.03 -17.82
N ASP B 56 -34.52 3.75 -17.31
CA ASP B 56 -34.31 3.70 -15.87
C ASP B 56 -34.62 5.06 -15.26
N ASP B 57 -35.36 5.05 -14.16
CA ASP B 57 -35.74 6.30 -13.50
C ASP B 57 -36.10 6.01 -12.05
N ASP B 58 -35.09 5.94 -11.19
CA ASP B 58 -35.32 5.51 -9.83
C ASP B 58 -36.26 6.47 -9.09
N LEU B 59 -36.06 7.78 -9.27
CA LEU B 59 -36.89 8.77 -8.59
C LEU B 59 -38.35 8.65 -8.99
N ALA B 60 -38.65 8.28 -10.25
CA ALA B 60 -40.04 8.08 -10.64
C ALA B 60 -40.65 6.82 -10.00
N GLU B 61 -39.84 5.77 -9.80
CA GLU B 61 -40.28 4.61 -9.03
C GLU B 61 -40.73 4.99 -7.64
N VAL B 62 -39.93 5.81 -6.95
CA VAL B 62 -40.29 6.29 -5.62
C VAL B 62 -41.55 7.15 -5.70
N GLY B 63 -41.64 8.02 -6.70
CA GLY B 63 -42.84 8.83 -6.86
C GLY B 63 -44.08 7.96 -6.95
N ARG B 64 -44.07 6.99 -7.86
CA ARG B 64 -45.24 6.15 -8.06
C ARG B 64 -45.56 5.33 -6.82
N LEU B 65 -44.64 4.45 -6.43
CA LEU B 65 -44.88 3.51 -5.33
C LEU B 65 -45.21 4.21 -4.02
N ALA B 66 -44.52 5.31 -3.68
CA ALA B 66 -44.68 5.92 -2.36
C ALA B 66 -45.25 7.34 -2.33
N GLY B 67 -45.42 8.00 -3.47
CA GLY B 67 -46.05 9.30 -3.45
C GLY B 67 -45.19 10.44 -2.96
N VAL B 68 -43.89 10.22 -2.80
CA VAL B 68 -42.98 11.34 -2.58
C VAL B 68 -43.04 12.32 -3.74
N THR B 69 -42.99 13.62 -3.42
CA THR B 69 -42.96 14.68 -4.41
C THR B 69 -41.64 15.42 -4.43
N GLN B 70 -40.97 15.52 -3.29
CA GLN B 70 -39.63 16.11 -3.23
C GLN B 70 -38.63 15.06 -3.73
N LEU B 71 -38.31 15.15 -5.02
CA LEU B 71 -37.52 14.15 -5.73
C LEU B 71 -36.46 14.93 -6.51
N ALA B 72 -35.23 14.89 -6.01
CA ALA B 72 -34.13 15.72 -6.50
C ALA B 72 -33.07 14.87 -7.19
N GLY B 73 -32.62 15.34 -8.38
CA GLY B 73 -31.50 14.74 -9.07
C GLY B 73 -30.67 15.83 -9.77
N LEU B 74 -29.45 15.46 -10.14
CA LEU B 74 -28.54 16.40 -10.80
C LEU B 74 -28.12 16.01 -12.21
N ALA B 75 -28.13 14.73 -12.55
CA ALA B 75 -27.52 14.31 -13.81
C ALA B 75 -28.17 13.02 -14.31
N ARG B 76 -28.33 12.94 -15.64
CA ARG B 76 -28.97 11.80 -16.29
C ARG B 76 -28.08 11.37 -17.45
N TYR B 77 -27.82 10.05 -17.52
CA TYR B 77 -26.88 9.50 -18.50
C TYR B 77 -27.57 8.37 -19.26
N PRO B 78 -27.52 8.38 -20.59
CA PRO B 78 -28.29 7.41 -21.37
C PRO B 78 -27.82 5.97 -21.22
N GLN B 79 -26.51 5.73 -21.17
CA GLN B 79 -25.98 4.37 -21.21
C GLN B 79 -26.18 3.67 -19.87
N PRO B 80 -26.56 2.39 -19.88
CA PRO B 80 -26.76 1.61 -18.65
C PRO B 80 -25.47 1.07 -18.03
N MET B 81 -24.54 1.96 -17.77
CA MET B 81 -23.30 1.64 -17.08
C MET B 81 -23.26 2.37 -15.74
N ALA B 82 -22.22 2.08 -14.95
CA ALA B 82 -21.93 2.86 -13.77
C ALA B 82 -21.79 4.33 -14.18
N PRO B 83 -22.02 5.27 -13.24
CA PRO B 83 -21.85 6.71 -13.58
C PRO B 83 -20.58 7.07 -14.36
N ALA B 84 -19.39 6.67 -13.90
CA ALA B 84 -18.14 7.02 -14.56
C ALA B 84 -18.11 6.57 -16.02
N ALA B 85 -18.41 5.30 -16.27
CA ALA B 85 -18.38 4.82 -17.64
C ALA B 85 -19.53 5.39 -18.45
N ALA B 86 -20.64 5.72 -17.80
CA ALA B 86 -21.74 6.36 -18.52
C ALA B 86 -21.35 7.77 -18.93
N ALA B 87 -20.70 8.50 -18.02
CA ALA B 87 -20.27 9.86 -18.32
C ALA B 87 -19.22 9.88 -19.41
N GLU B 88 -18.29 8.92 -19.38
CA GLU B 88 -17.22 8.83 -20.36
C GLU B 88 -17.75 8.39 -21.72
N HIS B 89 -18.77 7.53 -21.76
CA HIS B 89 -19.34 7.17 -23.05
C HIS B 89 -20.01 8.37 -23.70
N ALA B 90 -20.60 9.25 -22.91
CA ALA B 90 -21.32 10.42 -23.40
C ALA B 90 -20.40 11.62 -23.62
N GLY B 91 -19.12 11.51 -23.28
CA GLY B 91 -18.19 12.61 -23.41
C GLY B 91 -18.45 13.78 -22.49
N MET B 92 -19.05 13.54 -21.32
CA MET B 92 -19.38 14.62 -20.39
C MET B 92 -19.04 14.17 -18.98
N ALA B 93 -18.83 15.13 -18.10
CA ALA B 93 -18.31 14.82 -16.78
C ALA B 93 -19.44 14.50 -15.80
N LEU B 94 -19.12 13.70 -14.79
CA LEU B 94 -20.01 13.55 -13.65
C LEU B 94 -20.20 14.91 -12.97
N PRO B 95 -21.25 15.07 -12.17
CA PRO B 95 -21.33 16.26 -11.32
C PRO B 95 -20.13 16.35 -10.39
N ALA B 96 -20.04 17.47 -9.70
CA ALA B 96 -18.95 17.71 -8.78
C ALA B 96 -19.38 17.41 -7.36
N ARG B 97 -18.38 17.12 -6.53
CA ARG B 97 -18.63 16.79 -5.13
C ARG B 97 -19.49 17.85 -4.45
N ASP B 98 -19.18 19.13 -4.65
CA ASP B 98 -19.89 20.18 -3.92
C ASP B 98 -21.36 20.22 -4.31
N GLN B 99 -21.68 20.03 -5.59
CA GLN B 99 -23.07 20.04 -6.02
C GLN B 99 -23.90 19.00 -5.26
N ILE B 100 -23.42 17.75 -5.22
CA ILE B 100 -24.19 16.68 -4.60
C ILE B 100 -24.39 16.96 -3.12
N VAL B 101 -23.30 17.32 -2.42
CA VAL B 101 -23.39 17.56 -0.99
C VAL B 101 -24.34 18.73 -0.70
N ARG B 102 -24.26 19.80 -1.48
CA ARG B 102 -25.13 20.95 -1.21
C ARG B 102 -26.57 20.68 -1.57
N LEU B 103 -26.82 19.95 -2.66
CA LEU B 103 -28.20 19.59 -2.98
C LEU B 103 -28.87 18.88 -1.82
N ILE B 104 -28.13 17.98 -1.16
CA ILE B 104 -28.71 17.20 -0.06
C ILE B 104 -28.89 18.07 1.18
N ALA B 105 -27.86 18.83 1.55
CA ALA B 105 -28.01 19.70 2.71
C ALA B 105 -29.14 20.71 2.52
N ASP B 106 -29.38 21.15 1.26
CA ASP B 106 -30.53 22.04 1.01
C ASP B 106 -31.85 21.29 1.11
N LEU B 107 -31.88 20.02 0.70
CA LEU B 107 -33.06 19.18 0.90
C LEU B 107 -33.35 18.99 2.39
N ASP B 108 -32.31 18.91 3.20
CA ASP B 108 -32.46 18.59 4.61
C ASP B 108 -33.06 19.78 5.36
N ARG B 109 -34.21 19.55 5.98
CA ARG B 109 -34.89 20.50 6.84
C ARG B 109 -35.36 19.77 8.09
N PRO B 110 -35.67 20.51 9.17
CA PRO B 110 -36.17 19.86 10.38
C PRO B 110 -37.52 19.20 10.15
N GLY B 111 -37.68 18.00 10.72
CA GLY B 111 -38.89 17.24 10.55
C GLY B 111 -38.93 16.36 9.32
N ARG B 112 -37.89 16.43 8.48
CA ARG B 112 -37.87 15.73 7.20
C ARG B 112 -36.98 14.50 7.27
N LEU B 113 -37.47 13.37 6.77
CA LEU B 113 -36.58 12.24 6.48
C LEU B 113 -36.09 12.39 5.05
N THR B 114 -34.79 12.56 4.89
CA THR B 114 -34.20 12.70 3.56
C THR B 114 -33.33 11.48 3.27
N LEU B 115 -33.70 10.74 2.22
CA LEU B 115 -33.00 9.53 1.81
C LEU B 115 -32.25 9.80 0.52
N VAL B 116 -31.01 9.33 0.44
CA VAL B 116 -30.12 9.53 -0.70
C VAL B 116 -29.82 8.18 -1.34
N GLU B 117 -29.99 8.06 -2.65
CA GLU B 117 -29.57 6.84 -3.36
C GLU B 117 -28.41 7.16 -4.30
N GLY B 118 -27.29 6.47 -4.10
CA GLY B 118 -26.16 6.53 -5.01
C GLY B 118 -26.41 5.72 -6.28
N ALA B 119 -25.47 4.86 -6.64
CA ALA B 119 -25.62 3.98 -7.80
C ALA B 119 -24.81 2.73 -7.54
N GLY B 120 -25.45 1.56 -7.58
CA GLY B 120 -24.74 0.32 -7.23
C GLY B 120 -24.33 0.30 -5.77
N GLY B 121 -23.08 -0.12 -5.53
CA GLY B 121 -22.55 -0.28 -4.20
C GLY B 121 -21.91 0.98 -3.60
N LEU B 122 -21.53 0.84 -2.34
CA LEU B 122 -21.04 1.98 -1.55
C LEU B 122 -19.92 2.75 -2.24
N LEU B 123 -18.96 2.04 -2.85
CA LEU B 123 -17.72 2.63 -3.31
C LEU B 123 -17.69 2.90 -4.81
N VAL B 124 -18.85 2.91 -5.49
CA VAL B 124 -18.80 3.23 -6.91
C VAL B 124 -18.65 4.73 -7.08
N GLU B 125 -17.93 5.14 -8.12
CA GLU B 125 -17.63 6.55 -8.31
C GLU B 125 -18.90 7.31 -8.65
N LEU B 126 -19.25 8.26 -7.82
CA LEU B 126 -20.51 8.96 -7.95
C LEU B 126 -20.37 10.38 -8.49
N ALA B 127 -19.31 11.10 -8.10
CA ALA B 127 -19.04 12.44 -8.62
C ALA B 127 -17.61 12.50 -9.14
N GLU B 128 -17.22 13.63 -9.71
CA GLU B 128 -15.81 13.59 -10.04
C GLU B 128 -15.01 14.39 -9.02
N PRO B 129 -13.73 14.04 -8.80
CA PRO B 129 -13.03 12.87 -9.33
C PRO B 129 -13.04 11.69 -8.34
N GLY B 130 -13.66 10.57 -8.71
CA GLY B 130 -13.73 9.42 -7.81
C GLY B 130 -14.22 9.68 -6.39
N VAL B 131 -15.30 10.42 -6.25
CA VAL B 131 -15.95 10.62 -4.97
C VAL B 131 -17.15 9.67 -4.88
N THR B 132 -17.34 9.07 -3.73
CA THR B 132 -18.29 7.97 -3.58
C THR B 132 -19.50 8.41 -2.77
N LEU B 133 -20.47 7.52 -2.65
CA LEU B 133 -21.56 7.77 -1.73
C LEU B 133 -21.06 7.83 -0.29
N ARG B 134 -19.97 7.12 0.02
CA ARG B 134 -19.42 7.19 1.37
C ARG B 134 -18.90 8.59 1.69
N ASP B 135 -18.16 9.20 0.73
CA ASP B 135 -17.65 10.56 0.92
C ASP B 135 -18.79 11.53 1.13
N VAL B 136 -19.87 11.36 0.36
CA VAL B 136 -21.05 12.23 0.49
C VAL B 136 -21.70 12.06 1.86
N ALA B 137 -21.78 10.82 2.37
CA ALA B 137 -22.35 10.61 3.70
C ALA B 137 -21.47 11.20 4.81
N VAL B 138 -20.15 11.18 4.65
CA VAL B 138 -19.28 11.90 5.58
C VAL B 138 -19.66 13.38 5.62
N ASP B 139 -19.60 14.04 4.46
CA ASP B 139 -19.83 15.48 4.36
C ASP B 139 -21.17 15.89 4.96
N VAL B 140 -22.24 15.17 4.66
CA VAL B 140 -23.54 15.55 5.18
C VAL B 140 -23.85 14.91 6.53
N ALA B 141 -22.91 14.16 7.09
CA ALA B 141 -23.12 13.50 8.39
C ALA B 141 -24.37 12.62 8.36
N ALA B 142 -24.54 11.86 7.29
CA ALA B 142 -25.66 10.92 7.20
C ALA B 142 -25.27 9.60 7.84
N ALA B 143 -26.28 8.87 8.30
CA ALA B 143 -26.11 7.44 8.54
C ALA B 143 -26.42 6.68 7.26
N ALA B 144 -26.13 5.37 7.27
CA ALA B 144 -26.26 4.53 6.09
C ALA B 144 -27.17 3.34 6.42
N LEU B 145 -28.24 3.20 5.65
CA LEU B 145 -29.04 1.99 5.61
C LEU B 145 -28.52 1.08 4.51
N VAL B 146 -28.37 -0.21 4.81
CA VAL B 146 -27.64 -1.12 3.91
C VAL B 146 -28.60 -2.19 3.39
N VAL B 147 -28.90 -2.12 2.10
CA VAL B 147 -29.78 -3.06 1.43
C VAL B 147 -28.96 -4.25 0.95
N VAL B 148 -29.41 -5.46 1.31
CA VAL B 148 -28.69 -6.71 1.06
C VAL B 148 -29.63 -7.75 0.47
N THR B 149 -29.04 -8.85 0.01
CA THR B 149 -29.75 -10.04 -0.43
C THR B 149 -29.81 -11.06 0.69
N ALA B 150 -30.55 -12.13 0.45
CA ALA B 150 -30.47 -13.30 1.31
C ALA B 150 -29.81 -14.48 0.59
N ASP B 151 -29.18 -14.24 -0.57
CA ASP B 151 -28.55 -15.27 -1.36
C ASP B 151 -27.14 -15.58 -0.87
N LEU B 152 -26.60 -16.66 -1.40
CA LEU B 152 -25.22 -17.04 -1.13
C LEU B 152 -24.32 -15.87 -1.48
N GLY B 153 -23.35 -15.60 -0.60
CA GLY B 153 -22.43 -14.51 -0.75
C GLY B 153 -22.81 -13.23 -0.02
N THR B 154 -24.00 -13.16 0.60
CA THR B 154 -24.42 -11.88 1.18
C THR B 154 -23.67 -11.54 2.45
N LEU B 155 -23.25 -12.53 3.24
CA LEU B 155 -22.53 -12.23 4.48
C LEU B 155 -21.20 -11.54 4.21
N ASN B 156 -20.44 -12.04 3.23
CA ASN B 156 -19.17 -11.42 2.87
C ASN B 156 -19.37 -9.99 2.38
N HIS B 157 -20.24 -9.83 1.38
CA HIS B 157 -20.54 -8.50 0.86
C HIS B 157 -21.06 -7.56 1.94
N THR B 158 -21.92 -8.06 2.84
CA THR B 158 -22.44 -7.21 3.91
C THR B 158 -21.31 -6.79 4.87
N LYS B 159 -20.52 -7.75 5.32
CA LYS B 159 -19.44 -7.41 6.22
C LYS B 159 -18.43 -6.48 5.57
N LEU B 160 -18.16 -6.68 4.26
CA LEU B 160 -17.26 -5.77 3.52
C LEU B 160 -17.83 -4.36 3.47
N THR B 161 -19.14 -4.24 3.28
CA THR B 161 -19.73 -2.90 3.20
C THR B 161 -19.75 -2.25 4.57
N LEU B 162 -20.09 -3.01 5.62
CA LEU B 162 -20.18 -2.44 6.95
C LEU B 162 -18.81 -1.98 7.46
N GLU B 163 -17.76 -2.74 7.16
N GLU B 163 -17.75 -2.73 7.14
CA GLU B 163 -16.40 -2.30 7.52
CA GLU B 163 -16.40 -2.31 7.51
C GLU B 163 -16.03 -1.02 6.78
C GLU B 163 -15.99 -1.04 6.78
N ALA B 164 -16.37 -0.92 5.51
CA ALA B 164 -16.04 0.28 4.74
C ALA B 164 -16.73 1.51 5.33
N LEU B 165 -18.00 1.35 5.73
CA LEU B 165 -18.71 2.41 6.41
C LEU B 165 -17.99 2.82 7.68
N ALA B 166 -17.67 1.85 8.54
CA ALA B 166 -17.15 2.22 9.86
C ALA B 166 -15.74 2.78 9.76
N ALA B 167 -15.00 2.43 8.72
CA ALA B 167 -13.65 2.98 8.58
C ALA B 167 -13.68 4.50 8.45
N GLN B 168 -14.77 5.06 7.93
CA GLN B 168 -14.93 6.50 7.81
C GLN B 168 -16.01 7.01 8.74
N GLN B 169 -16.34 6.23 9.76
CA GLN B 169 -17.20 6.66 10.86
C GLN B 169 -18.62 7.02 10.40
N VAL B 170 -19.05 6.50 9.25
CA VAL B 170 -20.45 6.58 8.85
C VAL B 170 -21.24 5.49 9.55
N SER B 171 -22.19 5.89 10.39
CA SER B 171 -22.95 4.96 11.22
C SER B 171 -23.87 4.07 10.39
N CYS B 172 -24.01 2.81 10.81
CA CYS B 172 -24.93 1.88 10.16
C CYS B 172 -26.30 1.99 10.80
N ALA B 173 -27.29 2.44 10.03
CA ALA B 173 -28.68 2.55 10.46
C ALA B 173 -29.41 1.21 10.50
N GLY B 174 -28.83 0.14 9.97
CA GLY B 174 -29.48 -1.15 9.90
C GLY B 174 -29.34 -1.77 8.51
N LEU B 175 -29.82 -3.01 8.41
CA LEU B 175 -29.91 -3.74 7.15
C LEU B 175 -31.35 -3.83 6.71
N VAL B 176 -31.55 -3.96 5.40
CA VAL B 176 -32.83 -4.32 4.84
C VAL B 176 -32.60 -5.35 3.75
N ILE B 177 -33.28 -6.49 3.84
CA ILE B 177 -33.25 -7.45 2.76
C ILE B 177 -34.16 -6.92 1.67
N GLY B 178 -33.60 -6.66 0.50
CA GLY B 178 -34.35 -6.00 -0.56
C GLY B 178 -35.37 -6.90 -1.22
N SER B 179 -35.09 -8.20 -1.29
CA SER B 179 -36.02 -9.16 -1.87
C SER B 179 -35.97 -10.44 -1.05
N TRP B 180 -37.10 -10.73 -0.37
CA TRP B 180 -37.23 -11.94 0.43
C TRP B 180 -37.99 -12.98 -0.37
N PRO B 181 -37.38 -14.12 -0.72
CA PRO B 181 -38.00 -15.03 -1.68
C PRO B 181 -39.15 -15.83 -1.07
N ASP B 182 -39.93 -16.44 -1.97
CA ASP B 182 -41.06 -17.29 -1.59
C ASP B 182 -40.90 -18.67 -2.22
N PRO B 183 -40.82 -19.75 -1.42
CA PRO B 183 -40.54 -19.72 0.02
C PRO B 183 -39.05 -19.52 0.24
N PRO B 184 -38.63 -19.19 1.47
CA PRO B 184 -37.23 -18.80 1.70
C PRO B 184 -36.19 -19.74 1.08
N GLY B 185 -36.16 -21.00 1.53
CA GLY B 185 -35.07 -21.90 1.22
C GLY B 185 -34.13 -22.04 2.40
N LEU B 186 -33.24 -23.03 2.31
CA LEU B 186 -32.35 -23.25 3.44
C LEU B 186 -31.32 -22.13 3.55
N VAL B 187 -30.76 -21.71 2.41
CA VAL B 187 -29.73 -20.67 2.41
C VAL B 187 -30.31 -19.33 2.87
N ALA B 188 -31.46 -18.93 2.31
CA ALA B 188 -32.04 -17.61 2.62
C ALA B 188 -32.41 -17.51 4.09
N ALA B 189 -33.07 -18.53 4.64
CA ALA B 189 -33.39 -18.47 6.06
C ALA B 189 -32.14 -18.58 6.93
N SER B 190 -31.11 -19.31 6.48
CA SER B 190 -29.87 -19.32 7.24
C SER B 190 -29.23 -17.93 7.22
N ASN B 191 -29.19 -17.32 6.05
CA ASN B 191 -28.59 -16.01 5.91
C ASN B 191 -29.32 -14.95 6.71
N ARG B 192 -30.65 -15.07 6.82
CA ARG B 192 -31.41 -14.07 7.54
C ARG B 192 -31.00 -14.06 9.01
N SER B 193 -30.85 -15.25 9.62
CA SER B 193 -30.43 -15.33 11.01
C SER B 193 -29.00 -14.79 11.22
N ALA B 194 -28.11 -15.03 10.26
CA ALA B 194 -26.72 -14.60 10.41
C ALA B 194 -26.58 -13.10 10.20
N LEU B 195 -27.24 -12.57 9.15
CA LEU B 195 -27.31 -11.12 8.98
C LEU B 195 -27.76 -10.44 10.26
N ALA B 196 -28.85 -10.94 10.87
CA ALA B 196 -29.35 -10.36 12.11
C ALA B 196 -28.31 -10.36 13.23
N ARG B 197 -27.31 -11.25 13.16
CA ARG B 197 -26.24 -11.31 14.14
C ARG B 197 -25.17 -10.26 13.95
N ILE B 198 -25.13 -9.59 12.80
CA ILE B 198 -24.11 -8.59 12.56
C ILE B 198 -24.67 -7.18 12.42
N ALA B 199 -25.99 -7.00 12.25
CA ALA B 199 -26.61 -5.69 12.31
C ALA B 199 -28.13 -5.87 12.39
N MET B 200 -28.83 -4.81 12.80
CA MET B 200 -30.28 -4.87 12.85
C MET B 200 -30.86 -5.06 11.45
N VAL B 201 -31.78 -5.99 11.31
CA VAL B 201 -32.49 -6.23 10.05
C VAL B 201 -33.84 -5.53 10.20
N ARG B 202 -33.99 -4.38 9.54
CA ARG B 202 -35.19 -3.57 9.72
C ARG B 202 -36.37 -4.08 8.92
N ALA B 203 -36.13 -4.80 7.82
CA ALA B 203 -37.22 -5.31 7.00
C ALA B 203 -36.65 -6.33 6.01
N ALA B 204 -37.52 -7.20 5.52
CA ALA B 204 -37.23 -8.08 4.39
C ALA B 204 -38.42 -7.93 3.44
N LEU B 205 -38.21 -7.21 2.33
CA LEU B 205 -39.34 -6.91 1.49
C LEU B 205 -39.65 -8.12 0.60
N PRO B 206 -40.93 -8.47 0.45
CA PRO B 206 -41.27 -9.63 -0.37
C PRO B 206 -40.84 -9.45 -1.81
N ALA B 207 -40.39 -10.54 -2.41
CA ALA B 207 -40.03 -10.51 -3.82
C ALA B 207 -41.20 -9.99 -4.65
N GLY B 208 -40.91 -9.08 -5.57
CA GLY B 208 -41.93 -8.55 -6.44
C GLY B 208 -42.63 -7.31 -5.93
N ALA B 209 -42.24 -6.78 -4.77
CA ALA B 209 -42.88 -5.59 -4.23
C ALA B 209 -42.81 -4.40 -5.17
N ALA B 210 -41.78 -4.31 -6.02
CA ALA B 210 -41.65 -3.13 -6.84
C ALA B 210 -42.70 -3.05 -7.95
N SER B 211 -43.37 -4.16 -8.28
CA SER B 211 -44.44 -4.14 -9.27
C SER B 211 -45.81 -3.76 -8.71
N LEU B 212 -45.99 -3.82 -7.39
CA LEU B 212 -47.27 -3.46 -6.76
C LEU B 212 -47.72 -2.06 -7.14
N ASP B 213 -49.03 -1.82 -7.02
CA ASP B 213 -49.55 -0.48 -7.20
C ASP B 213 -49.42 0.27 -5.88
N ALA B 214 -49.76 1.55 -5.89
CA ALA B 214 -49.41 2.41 -4.76
C ALA B 214 -50.11 1.97 -3.47
N GLY B 215 -51.36 1.51 -3.57
CA GLY B 215 -52.11 1.17 -2.37
C GLY B 215 -51.60 -0.10 -1.72
N ASP B 216 -51.42 -1.14 -2.52
CA ASP B 216 -50.80 -2.38 -2.04
C ASP B 216 -49.42 -2.11 -1.45
N PHE B 217 -48.62 -1.30 -2.15
CA PHE B 217 -47.27 -1.00 -1.67
C PHE B 217 -47.31 -0.30 -0.33
N ALA B 218 -48.21 0.68 -0.16
CA ALA B 218 -48.25 1.40 1.10
C ALA B 218 -48.64 0.49 2.26
N ALA B 219 -49.47 -0.52 1.99
CA ALA B 219 -49.88 -1.48 3.01
C ALA B 219 -48.73 -2.43 3.35
N MET B 220 -48.02 -2.91 2.33
CA MET B 220 -46.85 -3.76 2.54
C MET B 220 -45.78 -3.03 3.33
N SER B 221 -45.50 -1.77 2.97
CA SER B 221 -44.43 -1.03 3.64
C SER B 221 -44.79 -0.71 5.09
N ALA B 222 -46.07 -0.44 5.36
CA ALA B 222 -46.50 -0.16 6.72
C ALA B 222 -46.31 -1.38 7.63
N ALA B 223 -46.46 -2.58 7.07
CA ALA B 223 -46.24 -3.81 7.81
C ALA B 223 -44.79 -4.26 7.81
N ALA B 224 -43.95 -3.72 6.90
CA ALA B 224 -42.59 -4.23 6.74
C ALA B 224 -41.63 -3.71 7.80
N PHE B 225 -41.83 -2.48 8.27
CA PHE B 225 -40.94 -1.90 9.25
C PHE B 225 -41.63 -1.89 10.60
N ASP B 226 -40.82 -1.77 11.64
CA ASP B 226 -41.37 -1.60 12.98
C ASP B 226 -41.75 -0.14 13.20
N ARG B 227 -42.99 0.08 13.65
CA ARG B 227 -43.53 1.43 13.81
C ARG B 227 -42.62 2.30 14.67
N ASN B 228 -42.22 1.80 15.83
CA ASN B 228 -41.43 2.63 16.76
C ASN B 228 -40.14 3.12 16.12
N TRP B 229 -39.43 2.24 15.41
CA TRP B 229 -38.16 2.64 14.80
C TRP B 229 -38.37 3.73 13.76
N VAL B 230 -39.30 3.52 12.82
CA VAL B 230 -39.64 4.52 11.82
C VAL B 230 -40.02 5.84 12.48
N ALA B 231 -40.96 5.79 13.45
CA ALA B 231 -41.37 7.00 14.15
C ALA B 231 -40.19 7.70 14.83
N GLY B 232 -39.18 6.94 15.24
CA GLY B 232 -38.03 7.49 15.89
C GLY B 232 -36.95 8.01 14.97
N LEU B 233 -37.12 7.82 13.66
CA LEU B 233 -36.06 8.19 12.72
C LEU B 233 -35.81 9.70 12.73
N VAL B 234 -36.87 10.48 12.89
CA VAL B 234 -36.83 11.92 12.75
C VAL B 234 -37.29 12.63 14.03
N GLY C 9 0.03 7.83 -25.89
CA GLY C 9 0.85 7.91 -24.70
C GLY C 9 2.19 8.59 -24.99
N GLY C 10 2.64 9.44 -24.07
CA GLY C 10 3.88 10.15 -24.28
C GLY C 10 5.06 9.58 -23.52
N THR C 11 5.46 10.27 -22.45
CA THR C 11 6.51 9.79 -21.56
C THR C 11 6.20 10.33 -20.17
N ILE C 12 5.96 9.44 -19.22
CA ILE C 12 5.85 9.80 -17.80
C ILE C 12 7.20 9.55 -17.15
N LEU C 13 7.62 10.47 -16.28
CA LEU C 13 8.89 10.36 -15.54
C LEU C 13 8.61 10.83 -14.12
N VAL C 14 8.67 9.93 -13.15
CA VAL C 14 8.69 10.40 -11.77
C VAL C 14 10.09 10.90 -11.48
N VAL C 15 10.15 12.05 -10.81
CA VAL C 15 11.41 12.62 -10.38
C VAL C 15 11.41 12.47 -8.86
N THR C 16 12.24 11.55 -8.38
CA THR C 16 12.39 11.29 -6.95
C THR C 16 13.77 11.79 -6.51
N GLY C 17 14.14 11.45 -5.28
CA GLY C 17 15.43 11.83 -4.73
C GLY C 17 15.79 10.96 -3.54
N THR C 18 17.00 11.14 -3.07
CA THR C 18 17.54 10.44 -1.92
C THR C 18 17.00 10.98 -0.59
N GLY C 19 16.30 12.11 -0.62
CA GLY C 19 15.69 12.64 0.59
C GLY C 19 14.98 13.94 0.32
N THR C 20 14.66 14.62 1.43
CA THR C 20 14.08 15.96 1.43
C THR C 20 15.11 16.99 1.01
N GLY C 21 14.63 18.07 0.39
CA GLY C 21 15.47 19.21 0.06
C GLY C 21 16.73 18.91 -0.73
N VAL C 22 16.65 18.01 -1.71
CA VAL C 22 17.82 17.67 -2.54
C VAL C 22 17.80 18.36 -3.89
N GLY C 23 16.77 19.13 -4.20
CA GLY C 23 16.66 19.78 -5.49
C GLY C 23 15.74 19.16 -6.51
N LYS C 24 14.80 18.30 -6.09
N LYS C 24 14.79 18.33 -6.09
CA LYS C 24 13.88 17.68 -7.03
CA LYS C 24 13.90 17.68 -7.06
C LYS C 24 13.15 18.73 -7.87
C LYS C 24 13.10 18.71 -7.87
N THR C 25 12.59 19.75 -7.20
CA THR C 25 11.81 20.77 -7.91
C THR C 25 12.65 21.53 -8.94
N VAL C 26 13.90 21.85 -8.61
CA VAL C 26 14.70 22.62 -9.57
C VAL C 26 15.20 21.71 -10.68
N VAL C 27 15.43 20.42 -10.39
CA VAL C 27 15.68 19.47 -11.47
C VAL C 27 14.45 19.34 -12.36
N CYS C 28 13.24 19.21 -11.76
CA CYS C 28 12.01 19.26 -12.54
C CYS C 28 11.98 20.48 -13.46
N ALA C 29 12.25 21.66 -12.90
CA ALA C 29 12.31 22.87 -13.70
C ALA C 29 13.42 22.79 -14.74
N ALA C 30 14.61 22.38 -14.33
CA ALA C 30 15.73 22.32 -15.27
C ALA C 30 15.43 21.42 -16.45
N LEU C 31 14.79 20.27 -16.21
CA LEU C 31 14.52 19.34 -17.31
C LEU C 31 13.37 19.82 -18.18
N ALA C 32 12.29 20.33 -17.57
CA ALA C 32 11.20 20.92 -18.35
C ALA C 32 11.71 22.02 -19.27
N SER C 33 12.53 22.93 -18.73
CA SER C 33 13.09 24.00 -19.55
C SER C 33 13.91 23.45 -20.71
N ALA C 34 14.81 22.51 -20.44
CA ALA C 34 15.63 21.92 -21.50
C ALA C 34 14.77 21.20 -22.52
N ALA C 35 13.68 20.56 -22.07
CA ALA C 35 12.77 19.91 -23.00
C ALA C 35 12.03 20.93 -23.86
N ARG C 36 11.43 21.95 -23.23
CA ARG C 36 10.74 23.01 -23.98
C ARG C 36 11.64 23.62 -25.06
N GLN C 37 12.94 23.75 -24.79
CA GLN C 37 13.85 24.33 -25.76
C GLN C 37 14.12 23.38 -26.94
N ALA C 38 13.90 22.08 -26.76
CA ALA C 38 13.84 21.15 -27.87
C ALA C 38 12.41 20.93 -28.36
N GLY C 39 11.54 21.92 -28.19
CA GLY C 39 10.19 21.87 -28.71
C GLY C 39 9.31 20.77 -28.13
N ILE C 40 9.71 20.17 -27.02
CA ILE C 40 8.93 19.11 -26.40
C ILE C 40 7.90 19.72 -25.47
N ASP C 41 6.66 19.25 -25.59
CA ASP C 41 5.61 19.63 -24.65
C ASP C 41 5.88 19.02 -23.29
N VAL C 42 5.76 19.83 -22.22
CA VAL C 42 6.05 19.36 -20.87
C VAL C 42 4.90 19.70 -19.94
N ALA C 43 4.52 18.74 -19.11
CA ALA C 43 3.64 18.96 -17.98
C ALA C 43 4.37 18.53 -16.71
N VAL C 44 3.97 19.14 -15.59
CA VAL C 44 4.61 18.92 -14.30
C VAL C 44 3.50 18.75 -13.27
N CYS C 45 3.67 17.78 -12.38
CA CYS C 45 2.61 17.31 -11.50
C CYS C 45 3.22 17.07 -10.12
N LYS C 46 2.54 17.57 -9.10
CA LYS C 46 3.00 17.44 -7.72
C LYS C 46 1.77 17.05 -6.89
N PRO C 47 1.48 15.76 -6.80
CA PRO C 47 0.22 15.32 -6.16
C PRO C 47 0.14 15.57 -4.68
N VAL C 48 1.26 15.63 -3.96
CA VAL C 48 1.25 15.85 -2.52
C VAL C 48 2.26 16.95 -2.20
N GLN C 49 1.77 18.08 -1.73
CA GLN C 49 2.59 19.21 -1.34
C GLN C 49 2.48 19.43 0.15
N THR C 50 3.64 19.53 0.83
CA THR C 50 3.73 19.92 2.24
C THR C 50 4.41 21.27 2.33
N GLY C 51 4.43 21.83 3.54
CA GLY C 51 5.20 23.03 3.78
C GLY C 51 4.63 24.33 3.26
N THR C 52 3.32 24.41 2.99
CA THR C 52 2.76 25.70 2.56
C THR C 52 2.91 26.77 3.64
N ALA C 53 2.84 26.39 4.91
CA ALA C 53 3.02 27.34 6.02
C ALA C 53 4.38 28.05 5.95
N ARG C 54 5.37 27.40 5.36
CA ARG C 54 6.69 27.95 5.09
C ARG C 54 6.73 28.77 3.80
N GLY C 55 5.67 28.73 3.00
CA GLY C 55 5.68 29.33 1.68
C GLY C 55 5.98 28.38 0.53
N ASP C 56 6.13 27.08 0.81
CA ASP C 56 6.44 26.12 -0.24
C ASP C 56 5.32 26.04 -1.26
N ASP C 57 5.69 25.96 -2.54
CA ASP C 57 4.77 25.62 -3.61
C ASP C 57 5.60 25.21 -4.82
N ASP C 58 5.93 23.91 -4.93
CA ASP C 58 6.90 23.47 -5.94
C ASP C 58 6.38 23.64 -7.36
N LEU C 59 5.05 23.55 -7.54
CA LEU C 59 4.45 23.83 -8.84
C LEU C 59 4.69 25.28 -9.24
N ALA C 60 4.41 26.22 -8.32
CA ALA C 60 4.66 27.63 -8.57
C ALA C 60 6.12 27.90 -8.94
N GLU C 61 7.06 27.27 -8.23
CA GLU C 61 8.48 27.49 -8.49
C GLU C 61 8.88 27.01 -9.90
N VAL C 62 8.31 25.89 -10.36
CA VAL C 62 8.61 25.39 -11.71
C VAL C 62 8.06 26.35 -12.75
N GLY C 63 6.83 26.81 -12.56
CA GLY C 63 6.24 27.76 -13.48
C GLY C 63 7.09 29.01 -13.60
N ARG C 64 7.48 29.58 -12.46
N ARG C 64 7.49 29.56 -12.46
CA ARG C 64 8.32 30.77 -12.49
CA ARG C 64 8.33 30.76 -12.44
C ARG C 64 9.70 30.49 -13.09
C ARG C 64 9.71 30.51 -13.03
N LEU C 65 10.33 29.37 -12.73
CA LEU C 65 11.68 29.08 -13.21
C LEU C 65 11.70 28.62 -14.67
N ALA C 66 10.73 27.83 -15.11
CA ALA C 66 10.83 27.17 -16.41
C ALA C 66 9.83 27.65 -17.44
N GLY C 67 8.74 28.32 -17.02
CA GLY C 67 7.69 28.72 -17.93
C GLY C 67 6.63 27.68 -18.20
N VAL C 68 6.59 26.60 -17.41
CA VAL C 68 5.55 25.59 -17.57
C VAL C 68 4.23 26.13 -17.04
N THR C 69 3.19 26.07 -17.87
CA THR C 69 1.85 26.46 -17.47
C THR C 69 0.97 25.27 -17.13
N GLN C 70 1.39 24.07 -17.52
CA GLN C 70 0.60 22.85 -17.32
C GLN C 70 1.09 22.20 -16.01
N LEU C 71 0.46 22.63 -14.92
CA LEU C 71 0.87 22.33 -13.56
C LEU C 71 -0.34 21.75 -12.86
N ALA C 72 -0.18 20.56 -12.28
CA ALA C 72 -1.29 19.85 -11.67
C ALA C 72 -0.90 19.43 -10.26
N GLY C 73 -1.71 19.86 -9.29
CA GLY C 73 -1.56 19.44 -7.92
C GLY C 73 -2.83 18.77 -7.44
N LEU C 74 -2.80 18.37 -6.16
CA LEU C 74 -3.95 17.72 -5.56
C LEU C 74 -4.03 18.06 -4.08
N ALA C 75 -3.26 17.35 -3.27
CA ALA C 75 -3.26 17.58 -1.84
C ALA C 75 -2.23 18.65 -1.48
N ARG C 76 -2.57 19.46 -0.47
CA ARG C 76 -1.68 20.50 0.03
C ARG C 76 -1.81 20.61 1.54
N TYR C 77 -0.67 20.60 2.22
CA TYR C 77 -0.69 20.69 3.67
C TYR C 77 0.28 21.76 4.17
N PRO C 78 -0.10 22.50 5.23
CA PRO C 78 0.80 23.58 5.72
C PRO C 78 2.15 23.10 6.25
N GLN C 79 2.17 22.07 7.04
CA GLN C 79 3.39 21.86 7.80
C GLN C 79 4.44 21.12 6.95
N PRO C 80 5.73 21.49 7.11
CA PRO C 80 6.84 20.77 6.46
C PRO C 80 7.22 19.52 7.25
N MET C 81 6.32 18.53 7.21
CA MET C 81 6.50 17.20 7.76
C MET C 81 6.24 16.18 6.65
N ALA C 82 6.57 14.91 6.92
CA ALA C 82 6.14 13.86 6.00
C ALA C 82 4.61 13.93 5.84
N PRO C 83 4.11 13.62 4.65
CA PRO C 83 2.66 13.79 4.41
C PRO C 83 1.74 13.24 5.50
N ALA C 84 2.02 12.04 6.01
CA ALA C 84 1.18 11.47 7.06
C ALA C 84 1.05 12.42 8.24
N ALA C 85 2.17 12.80 8.85
CA ALA C 85 2.13 13.72 9.99
C ALA C 85 1.62 15.12 9.60
N ALA C 86 1.82 15.55 8.34
CA ALA C 86 1.35 16.88 7.93
C ALA C 86 -0.17 16.90 7.71
N ALA C 87 -0.70 15.90 6.99
CA ALA C 87 -2.15 15.76 6.89
C ALA C 87 -2.77 15.62 8.28
N GLU C 88 -2.17 14.80 9.13
CA GLU C 88 -2.71 14.56 10.46
C GLU C 88 -2.74 15.85 11.27
N HIS C 89 -1.63 16.58 11.27
CA HIS C 89 -1.54 17.83 12.02
C HIS C 89 -2.57 18.84 11.54
N ALA C 90 -2.89 18.83 10.24
CA ALA C 90 -3.87 19.71 9.62
C ALA C 90 -5.27 19.10 9.59
N GLY C 91 -5.53 18.10 10.44
CA GLY C 91 -6.83 17.46 10.54
C GLY C 91 -7.35 16.87 9.24
N MET C 92 -6.64 17.08 8.14
CA MET C 92 -7.02 16.50 6.86
C MET C 92 -6.51 15.06 6.75
N ALA C 93 -6.74 14.47 5.59
CA ALA C 93 -6.35 13.10 5.32
C ALA C 93 -5.53 13.05 4.04
N LEU C 94 -4.83 11.95 3.86
CA LEU C 94 -3.98 11.79 2.70
C LEU C 94 -4.82 11.35 1.50
N PRO C 95 -4.41 11.71 0.28
CA PRO C 95 -5.22 11.33 -0.89
C PRO C 95 -5.23 9.83 -1.10
N ALA C 96 -5.91 9.39 -2.15
CA ALA C 96 -6.04 7.98 -2.49
C ALA C 96 -5.26 7.67 -3.75
N ARG C 97 -4.88 6.39 -3.87
CA ARG C 97 -3.99 5.97 -4.95
C ARG C 97 -4.59 6.26 -6.31
N ASP C 98 -5.87 5.93 -6.52
CA ASP C 98 -6.48 6.22 -7.80
C ASP C 98 -6.71 7.72 -7.97
N GLN C 99 -6.89 8.46 -6.88
CA GLN C 99 -6.92 9.92 -6.98
C GLN C 99 -5.58 10.45 -7.48
N ILE C 100 -4.48 9.93 -6.91
CA ILE C 100 -3.14 10.29 -7.38
C ILE C 100 -2.93 9.81 -8.82
N VAL C 101 -3.27 8.55 -9.10
CA VAL C 101 -3.00 8.00 -10.43
C VAL C 101 -3.93 8.62 -11.48
N ARG C 102 -5.20 8.88 -11.11
CA ARG C 102 -6.10 9.58 -12.03
C ARG C 102 -5.54 10.95 -12.39
N LEU C 103 -5.07 11.69 -11.37
CA LEU C 103 -4.45 12.99 -11.61
C LEU C 103 -3.29 12.86 -12.60
N ILE C 104 -2.45 11.84 -12.44
CA ILE C 104 -1.29 11.68 -13.31
C ILE C 104 -1.73 11.29 -14.72
N ALA C 105 -2.76 10.46 -14.83
CA ALA C 105 -3.15 9.91 -16.14
C ALA C 105 -3.62 11.00 -17.09
N ASP C 106 -4.51 11.87 -16.60
CA ASP C 106 -5.12 12.88 -17.46
C ASP C 106 -4.07 13.71 -18.21
N LEU C 107 -2.93 14.02 -17.58
CA LEU C 107 -1.92 14.89 -18.21
C LEU C 107 -1.16 14.18 -19.31
N ASP C 108 -1.03 12.86 -19.21
CA ASP C 108 -0.22 12.11 -20.17
C ASP C 108 -0.86 12.18 -21.55
N ARG C 109 -0.08 12.58 -22.55
CA ARG C 109 -0.53 12.75 -23.92
C ARG C 109 0.61 12.35 -24.83
N PRO C 110 0.29 11.94 -26.07
CA PRO C 110 1.35 11.70 -27.04
C PRO C 110 2.07 12.99 -27.40
N GLY C 111 3.39 12.93 -27.40
CA GLY C 111 4.21 14.11 -27.63
C GLY C 111 4.52 14.93 -26.41
N ARG C 112 4.19 14.44 -25.21
CA ARG C 112 4.36 15.19 -23.98
C ARG C 112 5.29 14.45 -23.02
N LEU C 113 6.24 15.18 -22.44
CA LEU C 113 6.96 14.73 -21.25
C LEU C 113 6.23 15.24 -20.00
N THR C 114 5.75 14.30 -19.20
CA THR C 114 5.11 14.61 -17.93
C THR C 114 6.06 14.23 -16.80
N LEU C 115 6.36 15.19 -15.94
CA LEU C 115 7.19 14.99 -14.77
C LEU C 115 6.32 14.97 -13.52
N VAL C 116 6.58 14.00 -12.65
CA VAL C 116 5.85 13.81 -11.41
C VAL C 116 6.85 13.93 -10.27
N GLU C 117 6.57 14.82 -9.32
CA GLU C 117 7.42 14.97 -8.15
C GLU C 117 6.72 14.37 -6.93
N GLY C 118 7.43 13.50 -6.23
CA GLY C 118 6.95 12.98 -4.97
C GLY C 118 7.18 13.97 -3.85
N ALA C 119 7.19 13.45 -2.63
CA ALA C 119 7.43 14.27 -1.44
C ALA C 119 8.56 13.62 -0.67
N GLY C 120 9.75 14.21 -0.71
CA GLY C 120 10.89 13.62 -0.02
C GLY C 120 11.43 12.42 -0.78
N GLY C 121 11.83 11.40 -0.03
CA GLY C 121 12.42 10.21 -0.60
C GLY C 121 11.43 9.30 -1.34
N LEU C 122 12.00 8.28 -1.99
CA LEU C 122 11.23 7.35 -2.82
C LEU C 122 10.14 6.62 -2.02
N LEU C 123 10.41 6.27 -0.76
CA LEU C 123 9.50 5.43 0.01
C LEU C 123 8.70 6.21 1.04
N VAL C 124 8.54 7.52 0.83
CA VAL C 124 7.63 8.29 1.68
C VAL C 124 6.20 7.93 1.32
N GLU C 125 5.36 7.77 2.34
CA GLU C 125 3.94 7.43 2.16
C GLU C 125 3.18 8.58 1.51
N LEU C 126 2.83 8.43 0.23
CA LEU C 126 2.01 9.38 -0.53
C LEU C 126 0.51 9.10 -0.47
N ALA C 127 0.12 7.85 -0.24
CA ALA C 127 -1.30 7.50 -0.09
C ALA C 127 -1.42 6.38 0.95
N GLU C 128 -2.58 6.35 1.65
CA GLU C 128 -2.79 5.32 2.66
C GLU C 128 -3.15 3.98 2.00
N PRO C 129 -2.63 2.86 2.52
CA PRO C 129 -1.54 2.90 3.51
C PRO C 129 -0.20 2.50 2.88
N GLY C 130 0.86 3.21 3.23
CA GLY C 130 2.19 2.89 2.72
C GLY C 130 2.31 2.85 1.22
N VAL C 131 1.52 3.65 0.50
CA VAL C 131 1.68 3.78 -0.95
C VAL C 131 2.70 4.87 -1.23
N THR C 132 3.64 4.58 -2.13
CA THR C 132 4.81 5.41 -2.37
C THR C 132 4.83 5.89 -3.82
N LEU C 133 5.76 6.80 -4.10
CA LEU C 133 6.03 7.19 -5.47
C LEU C 133 6.53 6.00 -6.29
N ARG C 134 7.15 5.02 -5.65
CA ARG C 134 7.55 3.82 -6.40
C ARG C 134 6.33 3.04 -6.88
N ASP C 135 5.41 2.73 -5.96
CA ASP C 135 4.12 2.14 -6.31
C ASP C 135 3.49 2.86 -7.49
N VAL C 136 3.35 4.18 -7.38
CA VAL C 136 2.67 4.96 -8.42
C VAL C 136 3.41 4.85 -9.75
N ALA C 137 4.74 4.90 -9.73
CA ALA C 137 5.48 4.80 -10.98
C ALA C 137 5.25 3.46 -11.66
N VAL C 138 4.95 2.41 -10.88
CA VAL C 138 4.63 1.11 -11.45
C VAL C 138 3.36 1.20 -12.28
N ASP C 139 2.26 1.67 -11.65
CA ASP C 139 0.94 1.71 -12.29
C ASP C 139 0.99 2.48 -13.61
N VAL C 140 1.60 3.66 -13.59
CA VAL C 140 1.59 4.54 -14.74
C VAL C 140 2.69 4.24 -15.74
N ALA C 141 3.53 3.23 -15.45
CA ALA C 141 4.60 2.78 -16.36
C ALA C 141 5.70 3.83 -16.51
N ALA C 142 6.05 4.48 -15.42
CA ALA C 142 7.02 5.56 -15.45
C ALA C 142 8.41 5.09 -15.02
N ALA C 143 9.42 5.60 -15.72
CA ALA C 143 10.79 5.53 -15.24
C ALA C 143 11.03 6.58 -14.16
N ALA C 144 12.05 6.34 -13.33
CA ALA C 144 12.37 7.19 -12.19
C ALA C 144 13.66 7.95 -12.45
N LEU C 145 13.61 9.27 -12.30
CA LEU C 145 14.80 10.11 -12.23
C LEU C 145 15.15 10.34 -10.77
N VAL C 146 16.40 10.07 -10.41
CA VAL C 146 16.85 10.17 -9.03
C VAL C 146 17.70 11.42 -8.87
N VAL C 147 17.26 12.35 -8.03
CA VAL C 147 18.04 13.52 -7.68
C VAL C 147 18.86 13.21 -6.45
N VAL C 148 20.17 13.44 -6.53
CA VAL C 148 21.13 13.07 -5.50
C VAL C 148 21.98 14.30 -5.21
N THR C 149 22.62 14.33 -4.03
CA THR C 149 23.63 15.34 -3.72
C THR C 149 25.04 14.80 -4.00
N ALA C 150 26.00 15.72 -3.99
CA ALA C 150 27.42 15.39 -4.08
C ALA C 150 28.08 15.34 -2.70
N ASP C 151 27.34 15.57 -1.63
CA ASP C 151 27.87 15.56 -0.29
C ASP C 151 27.95 14.14 0.25
N LEU C 152 28.60 13.99 1.41
CA LEU C 152 28.86 12.65 1.92
C LEU C 152 27.55 11.94 2.26
N GLY C 153 27.59 10.62 2.23
CA GLY C 153 26.40 9.81 2.38
C GLY C 153 25.59 9.66 1.12
N THR C 154 25.96 10.33 0.03
CA THR C 154 25.12 10.23 -1.15
C THR C 154 25.20 8.86 -1.79
N LEU C 155 26.37 8.21 -1.68
CA LEU C 155 26.51 6.91 -2.32
C LEU C 155 25.63 5.87 -1.63
N ASN C 156 25.59 5.86 -0.30
CA ASN C 156 24.70 4.94 0.38
C ASN C 156 23.26 5.20 -0.01
N HIS C 157 22.84 6.47 -0.02
CA HIS C 157 21.46 6.80 -0.31
C HIS C 157 21.11 6.56 -1.75
N THR C 158 22.04 6.81 -2.68
CA THR C 158 21.75 6.53 -4.08
C THR C 158 21.61 5.02 -4.31
N LYS C 159 22.57 4.25 -3.80
CA LYS C 159 22.52 2.79 -3.91
C LYS C 159 21.23 2.23 -3.31
N LEU C 160 20.83 2.74 -2.14
CA LEU C 160 19.60 2.27 -1.50
C LEU C 160 18.37 2.58 -2.35
N THR C 161 18.31 3.78 -2.92
CA THR C 161 17.20 4.16 -3.78
C THR C 161 17.22 3.35 -5.07
N LEU C 162 18.39 3.29 -5.72
CA LEU C 162 18.52 2.52 -6.96
C LEU C 162 18.20 1.05 -6.76
N GLU C 163 18.56 0.50 -5.60
CA GLU C 163 18.18 -0.88 -5.33
C GLU C 163 16.67 -1.00 -5.23
N ALA C 164 16.03 -0.11 -4.46
CA ALA C 164 14.58 -0.19 -4.25
C ALA C 164 13.82 -0.05 -5.55
N LEU C 165 14.36 0.70 -6.52
CA LEU C 165 13.73 0.84 -7.83
C LEU C 165 13.77 -0.48 -8.60
N ALA C 166 14.88 -1.22 -8.50
CA ALA C 166 14.97 -2.49 -9.22
C ALA C 166 14.11 -3.56 -8.58
N ALA C 167 13.84 -3.45 -7.29
CA ALA C 167 13.01 -4.44 -6.61
C ALA C 167 11.57 -4.49 -7.13
N GLN C 168 11.11 -3.44 -7.82
CA GLN C 168 9.80 -3.44 -8.47
C GLN C 168 9.92 -3.19 -9.98
N GLN C 169 11.11 -3.40 -10.54
CA GLN C 169 11.37 -3.28 -11.97
C GLN C 169 11.03 -1.88 -12.51
N VAL C 170 11.20 -0.85 -11.68
CA VAL C 170 11.04 0.54 -12.11
C VAL C 170 12.37 1.00 -12.70
N SER C 171 12.39 1.21 -14.01
CA SER C 171 13.64 1.55 -14.67
C SER C 171 14.15 2.89 -14.17
N CYS C 172 15.47 3.07 -14.23
CA CYS C 172 16.11 4.29 -13.78
C CYS C 172 16.48 5.15 -14.98
N ALA C 173 15.87 6.34 -15.07
CA ALA C 173 16.17 7.27 -16.15
C ALA C 173 17.54 7.90 -16.00
N GLY C 174 18.15 7.79 -14.84
CA GLY C 174 19.45 8.36 -14.59
C GLY C 174 19.47 9.13 -13.29
N LEU C 175 20.61 9.79 -13.05
CA LEU C 175 20.82 10.64 -11.90
C LEU C 175 20.93 12.09 -12.33
N VAL C 176 20.55 12.99 -11.44
CA VAL C 176 20.90 14.42 -11.53
C VAL C 176 21.39 14.85 -10.17
N ILE C 177 22.60 15.41 -10.13
CA ILE C 177 23.11 16.05 -8.93
C ILE C 177 22.42 17.39 -8.78
N GLY C 178 21.63 17.56 -7.71
CA GLY C 178 20.74 18.70 -7.59
C GLY C 178 21.44 20.01 -7.37
N SER C 179 22.68 19.98 -6.92
CA SER C 179 23.48 21.18 -6.71
C SER C 179 24.95 20.80 -6.87
N TRP C 180 25.62 21.40 -7.85
CA TRP C 180 27.01 21.10 -8.09
C TRP C 180 27.88 22.30 -7.71
N PRO C 181 28.83 22.14 -6.79
CA PRO C 181 29.60 23.29 -6.32
C PRO C 181 30.65 23.76 -7.34
N ASP C 182 31.01 25.03 -7.22
CA ASP C 182 31.95 25.67 -8.13
C ASP C 182 33.02 26.40 -7.34
N PRO C 183 34.22 25.79 -7.15
CA PRO C 183 34.65 24.50 -7.72
C PRO C 183 34.33 23.29 -6.83
N PRO C 184 34.44 22.08 -7.38
CA PRO C 184 34.17 20.88 -6.59
C PRO C 184 35.30 20.60 -5.60
N GLY C 185 34.94 20.45 -4.33
CA GLY C 185 35.87 19.99 -3.32
C GLY C 185 36.30 18.55 -3.54
N LEU C 186 37.12 18.01 -2.62
CA LEU C 186 37.58 16.63 -2.77
C LEU C 186 36.41 15.64 -2.66
N VAL C 187 35.54 15.85 -1.66
CA VAL C 187 34.40 14.95 -1.44
C VAL C 187 33.46 14.96 -2.65
N ALA C 188 33.09 16.16 -3.14
CA ALA C 188 32.16 16.24 -4.27
C ALA C 188 32.75 15.60 -5.52
N ALA C 189 34.00 15.92 -5.84
CA ALA C 189 34.63 15.38 -7.05
C ALA C 189 34.73 13.87 -7.01
N SER C 190 34.98 13.29 -5.83
CA SER C 190 35.03 11.84 -5.69
C SER C 190 33.65 11.21 -5.87
N ASN C 191 32.64 11.79 -5.21
CA ASN C 191 31.29 11.26 -5.29
C ASN C 191 30.73 11.33 -6.70
N ARG C 192 31.10 12.35 -7.48
CA ARG C 192 30.60 12.42 -8.84
C ARG C 192 31.20 11.30 -9.70
N SER C 193 32.49 10.99 -9.50
CA SER C 193 33.06 9.85 -10.18
C SER C 193 32.43 8.56 -9.70
N ALA C 194 32.20 8.43 -8.39
CA ALA C 194 31.60 7.21 -7.85
C ALA C 194 30.16 7.05 -8.34
N LEU C 195 29.41 8.16 -8.44
CA LEU C 195 28.04 8.06 -8.93
C LEU C 195 27.99 7.71 -10.41
N ALA C 196 28.93 8.24 -11.21
CA ALA C 196 28.95 7.90 -12.65
C ALA C 196 29.29 6.44 -12.89
N ARG C 197 29.91 5.77 -11.93
CA ARG C 197 30.10 4.34 -12.03
C ARG C 197 28.87 3.53 -11.61
N ILE C 198 27.90 4.16 -10.93
CA ILE C 198 26.69 3.48 -10.46
C ILE C 198 25.54 3.62 -11.45
N ALA C 199 25.41 4.79 -12.09
CA ALA C 199 24.39 5.02 -13.10
C ALA C 199 24.81 6.21 -13.94
N MET C 200 23.95 6.59 -14.89
CA MET C 200 24.25 7.74 -15.75
C MET C 200 23.92 9.04 -15.03
N VAL C 201 24.80 10.03 -15.16
CA VAL C 201 24.63 11.34 -14.56
C VAL C 201 24.18 12.29 -15.67
N ARG C 202 22.86 12.52 -15.76
CA ARG C 202 22.32 13.34 -16.84
C ARG C 202 22.69 14.80 -16.70
N ALA C 203 22.99 15.26 -15.50
CA ALA C 203 23.25 16.66 -15.25
C ALA C 203 23.79 16.82 -13.85
N ALA C 204 24.44 17.96 -13.63
CA ALA C 204 24.86 18.43 -12.31
C ALA C 204 24.58 19.92 -12.33
N LEU C 205 23.43 20.31 -11.78
CA LEU C 205 22.99 21.69 -11.89
C LEU C 205 23.87 22.61 -11.03
N PRO C 206 24.37 23.71 -11.58
CA PRO C 206 25.16 24.65 -10.76
C PRO C 206 24.39 25.09 -9.52
N ALA C 207 25.11 25.17 -8.40
CA ALA C 207 24.53 25.71 -7.18
C ALA C 207 23.93 27.09 -7.44
N GLY C 208 22.95 27.46 -6.62
CA GLY C 208 22.21 28.69 -6.87
C GLY C 208 21.36 28.70 -8.14
N ALA C 209 21.11 27.54 -8.74
CA ALA C 209 20.29 27.47 -9.94
C ALA C 209 18.88 27.96 -9.69
N ALA C 210 18.34 27.74 -8.49
CA ALA C 210 17.00 28.18 -8.14
C ALA C 210 16.87 29.68 -7.93
N SER C 211 18.00 30.41 -7.91
CA SER C 211 17.99 31.86 -7.76
C SER C 211 18.08 32.60 -9.09
N LEU C 212 18.33 31.90 -10.20
CA LEU C 212 18.47 32.54 -11.51
C LEU C 212 17.11 33.06 -12.00
N ASP C 213 17.16 33.99 -12.96
CA ASP C 213 15.96 34.45 -13.62
C ASP C 213 15.57 33.47 -14.72
N ALA C 214 14.48 33.76 -15.45
CA ALA C 214 14.04 32.85 -16.51
C ALA C 214 15.11 32.71 -17.59
N GLY C 215 15.76 33.81 -17.96
CA GLY C 215 16.72 33.75 -19.04
C GLY C 215 17.95 32.92 -18.69
N ASP C 216 18.56 33.22 -17.54
CA ASP C 216 19.73 32.45 -17.09
C ASP C 216 19.36 30.99 -16.84
N PHE C 217 18.17 30.74 -16.32
CA PHE C 217 17.77 29.36 -16.04
C PHE C 217 17.64 28.55 -17.33
N ALA C 218 16.99 29.11 -18.35
CA ALA C 218 16.83 28.41 -19.62
C ALA C 218 18.18 28.12 -20.28
N ALA C 219 19.10 29.09 -20.23
CA ALA C 219 20.45 28.86 -20.74
C ALA C 219 21.18 27.81 -19.90
N MET C 220 21.08 27.91 -18.58
CA MET C 220 21.67 26.89 -17.71
C MET C 220 21.08 25.51 -17.99
N SER C 221 19.75 25.43 -18.20
CA SER C 221 19.11 24.13 -18.42
C SER C 221 19.52 23.54 -19.77
N ALA C 222 19.57 24.38 -20.81
CA ALA C 222 20.08 23.93 -22.09
C ALA C 222 21.45 23.30 -21.95
N ALA C 223 22.32 23.92 -21.13
CA ALA C 223 23.69 23.46 -20.96
C ALA C 223 23.79 22.20 -20.11
N ALA C 224 22.88 22.02 -19.15
CA ALA C 224 23.05 20.97 -18.14
C ALA C 224 22.83 19.58 -18.73
N PHE C 225 21.75 19.42 -19.49
CA PHE C 225 21.40 18.13 -20.07
C PHE C 225 21.91 18.02 -21.50
N ASP C 226 22.30 16.80 -21.87
CA ASP C 226 22.55 16.47 -23.27
C ASP C 226 21.25 16.53 -24.03
N ARG C 227 21.19 17.37 -25.07
CA ARG C 227 19.92 17.59 -25.77
C ARG C 227 19.42 16.30 -26.42
N ASN C 228 20.33 15.49 -26.97
CA ASN C 228 19.90 14.28 -27.65
C ASN C 228 19.29 13.28 -26.66
N TRP C 229 19.75 13.29 -25.39
CA TRP C 229 19.06 12.51 -24.36
C TRP C 229 17.68 13.07 -24.07
N VAL C 230 17.58 14.40 -23.93
CA VAL C 230 16.30 15.03 -23.61
C VAL C 230 15.26 14.73 -24.68
N ALA C 231 15.63 14.95 -25.94
CA ALA C 231 14.68 14.73 -27.02
C ALA C 231 14.29 13.27 -27.15
N GLY C 232 15.26 12.36 -26.92
CA GLY C 232 14.99 10.94 -26.97
C GLY C 232 13.99 10.46 -25.94
N LEU C 233 13.77 11.24 -24.88
CA LEU C 233 12.82 10.82 -23.84
C LEU C 233 11.40 10.67 -24.38
N VAL C 234 11.06 11.44 -25.41
CA VAL C 234 9.70 11.48 -25.94
C VAL C 234 9.57 10.68 -27.24
N GLY C 235 10.46 10.90 -28.21
CA GLY C 235 10.35 10.24 -29.49
C GLY C 235 9.04 10.55 -30.21
N GLY D 9 28.28 -20.74 18.42
CA GLY D 9 29.25 -19.97 19.18
C GLY D 9 28.72 -18.75 19.92
N GLY D 10 29.12 -17.56 19.48
CA GLY D 10 28.61 -16.33 20.03
C GLY D 10 27.51 -15.73 19.17
N THR D 11 27.20 -14.48 19.47
CA THR D 11 26.22 -13.72 18.70
C THR D 11 26.92 -12.54 18.04
N ILE D 12 26.97 -12.57 16.72
CA ILE D 12 27.49 -11.47 15.91
C ILE D 12 26.34 -10.58 15.49
N LEU D 13 26.45 -9.29 15.80
CA LEU D 13 25.43 -8.29 15.50
C LEU D 13 26.12 -7.12 14.81
N VAL D 14 25.82 -6.89 13.53
CA VAL D 14 26.31 -5.67 12.88
C VAL D 14 25.40 -4.51 13.28
N VAL D 15 26.02 -3.41 13.69
CA VAL D 15 25.29 -2.19 14.04
C VAL D 15 25.43 -1.24 12.85
N THR D 16 24.45 -1.25 11.97
CA THR D 16 24.48 -0.37 10.80
C THR D 16 23.61 0.84 11.10
N GLY D 17 23.28 1.62 10.08
CA GLY D 17 22.52 2.84 10.30
C GLY D 17 22.02 3.40 9.00
N THR D 18 21.15 4.42 9.10
CA THR D 18 20.59 5.02 7.91
C THR D 18 21.53 5.98 7.21
N GLY D 19 22.67 6.27 7.82
CA GLY D 19 23.70 7.03 7.13
C GLY D 19 24.87 7.35 8.04
N THR D 20 25.48 8.48 7.78
CA THR D 20 26.65 8.93 8.50
C THR D 20 26.25 9.81 9.69
N GLY D 21 26.96 9.65 10.80
CA GLY D 21 26.72 10.50 11.96
C GLY D 21 25.36 10.38 12.58
N VAL D 22 24.77 9.19 12.59
CA VAL D 22 23.44 8.99 13.17
C VAL D 22 23.52 8.43 14.58
N GLY D 23 24.71 7.98 15.01
CA GLY D 23 24.94 7.53 16.37
C GLY D 23 25.34 6.08 16.51
N LYS D 24 25.83 5.48 15.42
CA LYS D 24 26.21 4.07 15.45
C LYS D 24 27.23 3.78 16.55
N THR D 25 28.25 4.64 16.69
CA THR D 25 29.26 4.40 17.71
C THR D 25 28.68 4.49 19.12
N VAL D 26 27.90 5.53 19.42
CA VAL D 26 27.38 5.65 20.78
C VAL D 26 26.42 4.50 21.09
N VAL D 27 25.71 4.00 20.08
CA VAL D 27 24.81 2.88 20.29
C VAL D 27 25.60 1.60 20.54
N CYS D 28 26.73 1.42 19.85
CA CYS D 28 27.61 0.30 20.18
C CYS D 28 28.06 0.39 21.64
N ALA D 29 28.49 1.59 22.06
CA ALA D 29 28.87 1.80 23.45
C ALA D 29 27.74 1.39 24.40
N ALA D 30 26.54 1.92 24.17
CA ALA D 30 25.45 1.76 25.13
C ALA D 30 24.96 0.31 25.18
N LEU D 31 24.75 -0.33 24.02
CA LEU D 31 24.45 -1.76 24.04
C LEU D 31 25.50 -2.54 24.80
N ALA D 32 26.78 -2.24 24.56
CA ALA D 32 27.86 -2.97 25.21
C ALA D 32 27.88 -2.73 26.72
N SER D 33 27.69 -1.47 27.15
CA SER D 33 27.63 -1.19 28.59
C SER D 33 26.41 -1.86 29.24
N ALA D 34 25.29 -1.94 28.52
CA ALA D 34 24.13 -2.69 29.01
C ALA D 34 24.38 -4.18 28.99
N ALA D 35 25.00 -4.70 27.92
CA ALA D 35 25.26 -6.14 27.82
C ALA D 35 26.26 -6.60 28.87
N ARG D 36 27.25 -5.78 29.18
CA ARG D 36 28.24 -6.18 30.19
C ARG D 36 27.67 -6.11 31.60
N GLN D 37 26.69 -5.25 31.84
CA GLN D 37 26.00 -5.27 33.13
C GLN D 37 25.14 -6.52 33.28
N ALA D 38 24.57 -7.03 32.18
CA ALA D 38 23.88 -8.32 32.17
C ALA D 38 24.87 -9.51 32.21
N GLY D 39 26.14 -9.19 32.42
CA GLY D 39 27.19 -10.18 32.50
C GLY D 39 27.48 -10.89 31.20
N ILE D 40 27.50 -10.17 30.08
CA ILE D 40 27.86 -10.73 28.79
C ILE D 40 29.23 -10.20 28.39
N ASP D 41 30.08 -11.07 27.84
CA ASP D 41 31.37 -10.64 27.31
C ASP D 41 31.19 -9.99 25.95
N VAL D 42 31.69 -8.78 25.79
CA VAL D 42 31.46 -7.97 24.61
C VAL D 42 32.77 -7.69 23.90
N ALA D 43 32.76 -7.80 22.57
CA ALA D 43 33.85 -7.34 21.72
C ALA D 43 33.27 -6.45 20.62
N VAL D 44 34.05 -5.45 20.18
CA VAL D 44 33.57 -4.51 19.19
C VAL D 44 34.60 -4.38 18.07
N CYS D 45 34.18 -4.63 16.84
CA CYS D 45 35.07 -4.60 15.69
C CYS D 45 34.66 -3.47 14.76
N LYS D 46 35.62 -2.59 14.45
CA LYS D 46 35.44 -1.55 13.44
C LYS D 46 36.54 -1.75 12.39
N PRO D 47 36.27 -2.53 11.33
CA PRO D 47 37.35 -2.87 10.39
C PRO D 47 38.05 -1.65 9.82
N VAL D 48 37.31 -0.60 9.48
CA VAL D 48 37.84 0.51 8.71
C VAL D 48 37.49 1.82 9.42
N GLN D 49 38.52 2.64 9.66
CA GLN D 49 38.40 3.95 10.30
C GLN D 49 38.99 5.00 9.35
N THR D 50 38.19 5.98 8.98
CA THR D 50 38.69 7.13 8.25
C THR D 50 38.71 8.34 9.17
N GLY D 51 39.26 9.44 8.65
CA GLY D 51 39.38 10.67 9.43
C GLY D 51 40.35 10.63 10.58
N THR D 52 41.43 9.85 10.49
CA THR D 52 42.36 9.77 11.61
C THR D 52 43.24 11.01 11.76
N ALA D 53 43.40 11.83 10.71
CA ALA D 53 44.20 13.05 10.86
C ALA D 53 43.56 14.02 11.83
N ARG D 54 42.24 14.21 11.74
CA ARG D 54 41.53 15.03 12.71
C ARG D 54 41.20 14.27 14.00
N GLY D 55 41.73 13.06 14.15
CA GLY D 55 41.64 12.32 15.39
C GLY D 55 40.45 11.40 15.59
N ASP D 56 39.65 11.15 14.54
CA ASP D 56 38.53 10.22 14.69
C ASP D 56 39.02 8.84 15.11
N ASP D 57 38.25 8.19 15.97
CA ASP D 57 38.63 6.90 16.53
C ASP D 57 37.42 6.34 17.25
N ASP D 58 36.57 5.63 16.51
CA ASP D 58 35.31 5.17 17.09
C ASP D 58 35.55 4.11 18.15
N LEU D 59 36.56 3.26 17.95
CA LEU D 59 36.85 2.22 18.94
C LEU D 59 37.27 2.84 20.28
N ALA D 60 37.89 4.02 20.26
CA ALA D 60 38.32 4.60 21.52
C ALA D 60 37.14 5.19 22.26
N GLU D 61 36.22 5.84 21.54
CA GLU D 61 35.00 6.32 22.17
C GLU D 61 34.23 5.17 22.81
N VAL D 62 34.24 4.00 22.16
CA VAL D 62 33.60 2.82 22.74
C VAL D 62 34.34 2.37 23.99
N GLY D 63 35.67 2.31 23.92
CA GLY D 63 36.45 1.94 25.09
C GLY D 63 36.25 2.91 26.24
N ARG D 64 36.19 4.20 25.92
CA ARG D 64 36.06 5.22 26.95
C ARG D 64 34.65 5.24 27.55
N LEU D 65 33.61 4.98 26.75
CA LEU D 65 32.24 5.08 27.25
C LEU D 65 31.76 3.79 27.93
N ALA D 66 32.18 2.64 27.41
CA ALA D 66 31.63 1.36 27.84
C ALA D 66 32.66 0.44 28.48
N GLY D 67 33.93 0.83 28.52
CA GLY D 67 34.95 0.01 29.15
C GLY D 67 35.37 -1.23 28.40
N VAL D 68 34.88 -1.42 27.15
CA VAL D 68 35.29 -2.56 26.33
C VAL D 68 36.80 -2.51 26.04
N THR D 69 37.44 -3.67 26.09
CA THR D 69 38.86 -3.80 25.78
C THR D 69 39.14 -4.57 24.50
N GLN D 70 38.25 -5.48 24.11
CA GLN D 70 38.41 -6.21 22.85
C GLN D 70 37.86 -5.33 21.75
N LEU D 71 38.75 -4.52 21.19
CA LEU D 71 38.46 -3.51 20.18
C LEU D 71 39.38 -3.78 18.99
N ALA D 72 38.81 -4.28 17.91
CA ALA D 72 39.59 -4.80 16.78
C ALA D 72 39.36 -3.90 15.57
N GLY D 73 40.45 -3.56 14.88
CA GLY D 73 40.32 -2.85 13.63
C GLY D 73 41.43 -3.28 12.68
N LEU D 74 41.23 -2.96 11.40
CA LEU D 74 42.12 -3.41 10.32
C LEU D 74 42.79 -2.31 9.52
N ALA D 75 42.21 -1.11 9.44
CA ALA D 75 42.73 -0.09 8.55
C ALA D 75 42.40 1.29 9.10
N ARG D 76 43.25 2.26 8.78
CA ARG D 76 43.15 3.62 9.29
C ARG D 76 43.50 4.59 8.18
N TYR D 77 42.55 5.41 7.75
CA TYR D 77 42.85 6.35 6.68
C TYR D 77 42.76 7.79 7.20
N PRO D 78 43.71 8.66 6.82
CA PRO D 78 43.74 9.99 7.47
C PRO D 78 42.62 10.90 7.01
N GLN D 79 42.22 10.84 5.75
CA GLN D 79 41.23 11.78 5.23
C GLN D 79 39.85 11.54 5.84
N PRO D 80 39.06 12.60 6.04
CA PRO D 80 37.63 12.48 6.45
C PRO D 80 36.72 12.25 5.24
N MET D 81 36.82 11.05 4.68
CA MET D 81 36.09 10.70 3.48
C MET D 81 35.51 9.31 3.68
N ALA D 82 34.62 8.93 2.76
CA ALA D 82 34.15 7.56 2.74
C ALA D 82 35.36 6.63 2.54
N PRO D 83 35.32 5.41 3.09
CA PRO D 83 36.51 4.54 3.01
C PRO D 83 37.10 4.40 1.61
N ALA D 84 36.26 4.15 0.59
CA ALA D 84 36.80 3.96 -0.75
C ALA D 84 37.56 5.20 -1.21
N ALA D 85 37.00 6.39 -0.98
CA ALA D 85 37.66 7.61 -1.39
C ALA D 85 38.82 7.93 -0.45
N ALA D 86 38.67 7.66 0.85
CA ALA D 86 39.74 7.88 1.80
C ALA D 86 40.97 7.04 1.45
N ALA D 87 40.74 5.79 1.06
CA ALA D 87 41.85 4.95 0.61
C ALA D 87 42.49 5.53 -0.64
N GLU D 88 41.66 5.90 -1.63
CA GLU D 88 42.17 6.34 -2.92
C GLU D 88 43.05 7.59 -2.78
N HIS D 89 42.59 8.57 -2.03
CA HIS D 89 43.39 9.77 -1.79
C HIS D 89 44.79 9.43 -1.30
N ALA D 90 44.90 8.45 -0.41
CA ALA D 90 46.17 8.03 0.14
C ALA D 90 46.94 7.08 -0.78
N GLY D 91 46.36 6.70 -1.91
CA GLY D 91 47.08 5.83 -2.82
C GLY D 91 47.18 4.40 -2.34
N MET D 92 46.21 3.92 -1.56
CA MET D 92 46.29 2.61 -0.97
C MET D 92 44.94 1.94 -1.00
N ALA D 93 44.94 0.62 -1.05
CA ALA D 93 43.72 -0.15 -1.17
C ALA D 93 43.01 -0.28 0.17
N LEU D 94 41.71 -0.59 0.09
CA LEU D 94 40.97 -1.06 1.24
C LEU D 94 41.46 -2.45 1.61
N PRO D 95 41.16 -2.95 2.81
CA PRO D 95 41.44 -4.35 3.13
C PRO D 95 40.67 -5.29 2.22
N ALA D 96 41.00 -6.58 2.30
CA ALA D 96 40.25 -7.56 1.55
C ALA D 96 38.99 -7.98 2.30
N ARG D 97 38.00 -8.45 1.54
CA ARG D 97 36.82 -9.06 2.15
C ARG D 97 37.19 -10.19 3.09
N ASP D 98 38.15 -11.03 2.67
CA ASP D 98 38.74 -12.08 3.50
C ASP D 98 39.06 -11.61 4.90
N GLN D 99 39.88 -10.55 4.98
CA GLN D 99 40.38 -10.07 6.27
C GLN D 99 39.23 -9.68 7.19
N ILE D 100 38.26 -8.93 6.65
CA ILE D 100 37.19 -8.41 7.49
C ILE D 100 36.35 -9.55 8.05
N VAL D 101 35.91 -10.47 7.20
N VAL D 101 35.90 -10.46 7.18
CA VAL D 101 35.00 -11.52 7.65
CA VAL D 101 35.02 -11.55 7.60
C VAL D 101 35.69 -12.46 8.64
C VAL D 101 35.71 -12.42 8.64
N ARG D 102 36.97 -12.79 8.40
CA ARG D 102 37.67 -13.70 9.30
C ARG D 102 37.97 -13.06 10.64
N LEU D 103 38.36 -11.77 10.63
CA LEU D 103 38.58 -11.04 11.87
C LEU D 103 37.33 -11.10 12.76
N ILE D 104 36.16 -10.80 12.17
CA ILE D 104 34.91 -10.88 12.92
C ILE D 104 34.67 -12.30 13.43
N ALA D 105 34.80 -13.30 12.56
CA ALA D 105 34.57 -14.67 12.99
C ALA D 105 35.60 -15.14 14.02
N ASP D 106 36.84 -14.66 13.93
CA ASP D 106 37.82 -14.99 14.97
C ASP D 106 37.47 -14.36 16.32
N LEU D 107 36.92 -13.13 16.32
CA LEU D 107 36.51 -12.51 17.57
C LEU D 107 35.33 -13.22 18.20
N ASP D 108 34.52 -13.88 17.37
CA ASP D 108 33.30 -14.49 17.86
C ASP D 108 33.65 -15.71 18.69
N ARG D 109 33.02 -15.86 19.86
CA ARG D 109 33.25 -17.01 20.75
C ARG D 109 32.03 -17.20 21.62
N PRO D 110 31.79 -18.43 22.11
CA PRO D 110 30.64 -18.70 22.99
C PRO D 110 30.58 -17.80 24.21
N GLY D 111 29.38 -17.28 24.48
CA GLY D 111 29.15 -16.36 25.58
C GLY D 111 29.46 -14.91 25.28
N ARG D 112 29.74 -14.56 24.01
CA ARG D 112 30.21 -13.24 23.63
C ARG D 112 29.27 -12.57 22.64
N LEU D 113 28.92 -11.31 22.91
CA LEU D 113 28.23 -10.45 21.96
C LEU D 113 29.26 -9.63 21.18
N THR D 114 29.28 -9.77 19.84
CA THR D 114 30.26 -9.09 19.00
C THR D 114 29.57 -8.10 18.06
N LEU D 115 29.77 -6.80 18.32
CA LEU D 115 29.18 -5.73 17.51
C LEU D 115 30.19 -5.27 16.46
N VAL D 116 29.73 -5.14 15.22
CA VAL D 116 30.54 -4.66 14.10
C VAL D 116 29.97 -3.32 13.63
N GLU D 117 30.78 -2.28 13.66
CA GLU D 117 30.46 -1.01 13.03
C GLU D 117 31.20 -0.91 11.70
N GLY D 118 30.47 -0.60 10.64
CA GLY D 118 31.08 -0.22 9.38
C GLY D 118 31.43 1.26 9.33
N ALA D 119 31.07 1.93 8.24
CA ALA D 119 31.32 3.37 8.11
C ALA D 119 30.16 3.95 7.32
N GLY D 120 29.34 4.76 7.98
CA GLY D 120 28.16 5.32 7.35
C GLY D 120 27.03 4.33 7.19
N GLY D 121 26.32 4.42 6.06
CA GLY D 121 25.16 3.60 5.80
C GLY D 121 25.49 2.16 5.41
N LEU D 122 24.43 1.40 5.11
CA LEU D 122 24.57 -0.05 4.98
C LEU D 122 25.39 -0.45 3.76
N LEU D 123 25.29 0.28 2.64
CA LEU D 123 25.91 -0.15 1.40
C LEU D 123 27.19 0.63 1.06
N VAL D 124 27.76 1.35 2.04
CA VAL D 124 29.11 1.89 1.89
C VAL D 124 30.11 0.76 1.62
N GLU D 125 31.00 1.00 0.67
CA GLU D 125 32.06 0.04 0.36
C GLU D 125 33.08 -0.06 1.51
N LEU D 126 33.36 -1.27 1.97
CA LEU D 126 34.38 -1.45 3.00
C LEU D 126 35.59 -2.24 2.53
N ALA D 127 35.45 -3.02 1.46
CA ALA D 127 36.51 -3.90 1.00
C ALA D 127 36.51 -3.95 -0.52
N GLU D 128 37.74 -3.99 -1.07
CA GLU D 128 38.21 -3.69 -2.43
C GLU D 128 37.17 -3.86 -3.55
N PRO D 129 36.45 -5.00 -3.65
CA PRO D 129 35.51 -5.14 -4.78
C PRO D 129 34.05 -4.84 -4.43
N GLY D 130 33.76 -3.61 -4.01
CA GLY D 130 32.38 -3.21 -3.73
C GLY D 130 31.72 -3.96 -2.59
N VAL D 131 32.48 -4.38 -1.59
CA VAL D 131 31.96 -5.19 -0.51
C VAL D 131 31.38 -4.28 0.57
N THR D 132 30.22 -4.67 1.12
CA THR D 132 29.51 -3.85 2.09
C THR D 132 29.34 -4.59 3.41
N LEU D 133 28.94 -3.82 4.40
CA LEU D 133 28.60 -4.40 5.69
C LEU D 133 27.47 -5.42 5.56
N ARG D 134 26.63 -5.30 4.53
CA ARG D 134 25.56 -6.30 4.37
C ARG D 134 26.13 -7.65 3.91
N ASP D 135 27.00 -7.64 2.88
CA ASP D 135 27.70 -8.86 2.49
C ASP D 135 28.47 -9.45 3.66
N VAL D 136 29.02 -8.60 4.51
CA VAL D 136 29.73 -9.13 5.67
C VAL D 136 28.74 -9.78 6.62
N ALA D 137 27.58 -9.15 6.84
CA ALA D 137 26.60 -9.71 7.75
C ALA D 137 26.07 -11.05 7.25
N VAL D 138 26.02 -11.22 5.92
CA VAL D 138 25.58 -12.49 5.37
C VAL D 138 26.65 -13.56 5.58
N ASP D 139 27.89 -13.25 5.17
CA ASP D 139 28.99 -14.20 5.25
C ASP D 139 29.17 -14.78 6.65
N VAL D 140 28.77 -14.06 7.71
CA VAL D 140 28.97 -14.56 9.06
C VAL D 140 27.66 -14.78 9.80
N ALA D 141 26.53 -14.71 9.09
CA ALA D 141 25.20 -14.96 9.67
C ALA D 141 24.92 -14.05 10.85
N ALA D 142 25.17 -12.77 10.67
CA ALA D 142 24.90 -11.78 11.69
C ALA D 142 23.57 -11.09 11.40
N ALA D 143 22.79 -10.87 12.45
CA ALA D 143 21.66 -9.95 12.39
C ALA D 143 22.15 -8.51 12.40
N ALA D 144 21.30 -7.60 11.88
CA ALA D 144 21.64 -6.19 11.74
C ALA D 144 20.73 -5.34 12.62
N LEU D 145 21.32 -4.64 13.58
CA LEU D 145 20.67 -3.57 14.32
C LEU D 145 20.81 -2.26 13.56
N VAL D 146 19.73 -1.47 13.49
CA VAL D 146 19.67 -0.29 12.64
C VAL D 146 19.53 0.96 13.50
N VAL D 147 20.54 1.83 13.47
CA VAL D 147 20.51 3.11 14.16
C VAL D 147 19.87 4.15 13.24
N VAL D 148 18.88 4.89 13.78
CA VAL D 148 18.09 5.85 13.03
C VAL D 148 18.08 7.17 13.80
N THR D 149 17.79 8.24 13.08
CA THR D 149 17.51 9.51 13.72
C THR D 149 16.01 9.72 13.86
N ALA D 150 15.64 10.71 14.65
CA ALA D 150 14.25 11.09 14.84
C ALA D 150 13.80 12.17 13.89
N ASP D 151 14.70 12.70 13.06
CA ASP D 151 14.45 13.89 12.27
C ASP D 151 13.70 13.56 10.98
N LEU D 152 13.34 14.61 10.24
CA LEU D 152 12.63 14.43 8.97
C LEU D 152 13.49 13.60 8.03
N GLY D 153 12.83 12.82 7.17
CA GLY D 153 13.51 11.93 6.27
C GLY D 153 13.88 10.58 6.86
N THR D 154 13.80 10.41 8.19
CA THR D 154 14.19 9.15 8.81
C THR D 154 13.33 7.99 8.36
N LEU D 155 12.05 8.25 8.05
CA LEU D 155 11.16 7.15 7.68
C LEU D 155 11.57 6.56 6.34
N ASN D 156 11.78 7.41 5.33
CA ASN D 156 12.20 6.91 4.02
C ASN D 156 13.52 6.15 4.10
N HIS D 157 14.48 6.65 4.89
CA HIS D 157 15.79 5.99 4.96
C HIS D 157 15.72 4.68 5.73
N THR D 158 14.95 4.64 6.83
CA THR D 158 14.77 3.40 7.56
C THR D 158 14.16 2.31 6.68
N LYS D 159 13.11 2.66 5.93
CA LYS D 159 12.47 1.72 5.01
C LYS D 159 13.43 1.22 3.93
N LEU D 160 14.20 2.14 3.33
CA LEU D 160 15.18 1.70 2.33
C LEU D 160 16.24 0.81 2.95
N THR D 161 16.55 1.02 4.23
CA THR D 161 17.60 0.24 4.87
C THR D 161 17.07 -1.13 5.27
N LEU D 162 15.92 -1.16 5.95
CA LEU D 162 15.22 -2.41 6.26
C LEU D 162 14.95 -3.21 4.99
N GLU D 163 14.64 -2.55 3.88
CA GLU D 163 14.39 -3.29 2.65
C GLU D 163 15.65 -4.00 2.16
N ALA D 164 16.75 -3.25 1.98
CA ALA D 164 18.00 -3.82 1.48
C ALA D 164 18.52 -4.96 2.37
N LEU D 165 18.26 -4.90 3.68
CA LEU D 165 18.54 -6.03 4.55
C LEU D 165 17.80 -7.28 4.10
N ALA D 166 16.50 -7.13 3.76
CA ALA D 166 15.67 -8.28 3.41
C ALA D 166 16.02 -8.85 2.05
N ALA D 167 16.51 -8.01 1.13
CA ALA D 167 16.87 -8.50 -0.18
C ALA D 167 17.99 -9.55 -0.12
N GLN D 168 18.73 -9.61 1.00
CA GLN D 168 19.80 -10.59 1.19
C GLN D 168 19.61 -11.39 2.47
N GLN D 169 18.39 -11.41 3.00
CA GLN D 169 18.01 -12.30 4.10
C GLN D 169 18.85 -12.05 5.35
N VAL D 170 19.02 -10.77 5.68
CA VAL D 170 19.67 -10.35 6.91
C VAL D 170 18.59 -10.00 7.92
N SER D 171 18.53 -10.75 9.02
CA SER D 171 17.52 -10.48 10.03
C SER D 171 17.75 -9.11 10.64
N CYS D 172 16.67 -8.35 10.78
CA CYS D 172 16.73 -7.06 11.46
C CYS D 172 16.50 -7.28 12.94
N ALA D 173 17.48 -6.92 13.75
CA ALA D 173 17.40 -7.01 15.20
C ALA D 173 16.62 -5.88 15.83
N GLY D 174 16.23 -4.88 15.06
CA GLY D 174 15.47 -3.78 15.59
C GLY D 174 16.08 -2.45 15.23
N LEU D 175 15.57 -1.40 15.89
CA LEU D 175 16.01 -0.04 15.69
C LEU D 175 16.47 0.54 17.02
N VAL D 176 17.42 1.47 16.94
CA VAL D 176 17.74 2.38 18.02
C VAL D 176 17.73 3.76 17.44
N ILE D 177 17.20 4.73 18.18
CA ILE D 177 17.33 6.13 17.80
C ILE D 177 18.61 6.64 18.43
N GLY D 178 19.49 7.21 17.61
CA GLY D 178 20.79 7.64 18.11
C GLY D 178 20.68 8.72 19.17
N SER D 179 19.88 9.74 18.91
CA SER D 179 19.71 10.83 19.86
C SER D 179 18.23 11.18 19.95
N TRP D 180 17.69 11.19 21.16
CA TRP D 180 16.26 11.46 21.38
C TRP D 180 16.10 12.77 22.13
N PRO D 181 15.53 13.81 21.52
CA PRO D 181 15.50 15.13 22.16
C PRO D 181 14.56 15.19 23.36
N ASP D 182 14.83 16.18 24.21
CA ASP D 182 14.06 16.39 25.45
C ASP D 182 13.88 17.89 25.66
N PRO D 183 12.69 18.44 25.31
CA PRO D 183 11.54 17.70 24.77
C PRO D 183 11.62 17.39 23.27
N PRO D 184 10.90 16.35 22.85
CA PRO D 184 10.86 15.98 21.43
C PRO D 184 9.91 16.88 20.64
N GLY D 185 10.40 17.39 19.51
CA GLY D 185 9.62 18.27 18.67
C GLY D 185 8.37 17.64 18.10
N LEU D 186 7.70 18.36 17.21
CA LEU D 186 6.56 17.78 16.50
C LEU D 186 7.02 16.64 15.59
N VAL D 187 8.07 16.89 14.80
CA VAL D 187 8.61 15.86 13.93
C VAL D 187 9.20 14.73 14.76
N ALA D 188 9.95 15.06 15.81
CA ALA D 188 10.61 14.04 16.62
C ALA D 188 9.61 13.08 17.25
N ALA D 189 8.48 13.60 17.74
CA ALA D 189 7.49 12.75 18.40
C ALA D 189 6.73 11.90 17.38
N SER D 190 6.37 12.48 16.24
CA SER D 190 5.65 11.73 15.21
C SER D 190 6.49 10.57 14.68
N ASN D 191 7.75 10.84 14.33
CA ASN D 191 8.58 9.82 13.70
C ASN D 191 8.78 8.62 14.62
N ARG D 192 8.98 8.85 15.92
CA ARG D 192 9.15 7.72 16.83
C ARG D 192 7.93 6.81 16.83
N SER D 193 6.72 7.40 16.86
CA SER D 193 5.51 6.60 16.72
C SER D 193 5.50 5.85 15.40
N ALA D 194 5.83 6.56 14.31
CA ALA D 194 5.85 5.92 13.00
C ALA D 194 6.92 4.83 12.90
N LEU D 195 8.14 5.10 13.41
CA LEU D 195 9.19 4.09 13.36
C LEU D 195 8.77 2.85 14.14
N ALA D 196 8.14 3.04 15.32
CA ALA D 196 7.63 1.92 16.10
C ALA D 196 6.71 1.02 15.29
N ARG D 197 5.98 1.57 14.32
CA ARG D 197 5.09 0.77 13.48
C ARG D 197 5.82 -0.03 12.42
N ILE D 198 7.13 0.17 12.26
CA ILE D 198 7.91 -0.56 11.26
C ILE D 198 8.66 -1.73 11.89
N ALA D 199 9.27 -1.53 13.05
CA ALA D 199 9.99 -2.59 13.74
C ALA D 199 10.21 -2.17 15.19
N MET D 200 10.79 -3.08 15.97
CA MET D 200 10.97 -2.85 17.40
C MET D 200 11.98 -1.74 17.64
N VAL D 201 11.55 -0.67 18.29
CA VAL D 201 12.47 0.38 18.73
C VAL D 201 13.12 -0.11 20.02
N ARG D 202 14.36 -0.63 19.92
CA ARG D 202 15.01 -1.19 21.10
C ARG D 202 15.48 -0.12 22.08
N ALA D 203 15.71 1.11 21.64
CA ALA D 203 16.13 2.16 22.57
C ALA D 203 16.04 3.53 21.89
N ALA D 204 16.11 4.57 22.73
CA ALA D 204 16.22 5.94 22.25
C ALA D 204 17.22 6.65 23.18
N LEU D 205 18.44 6.87 22.70
CA LEU D 205 19.46 7.39 23.59
C LEU D 205 19.24 8.88 23.83
N PRO D 206 19.39 9.34 25.08
CA PRO D 206 19.25 10.78 25.37
C PRO D 206 20.21 11.62 24.56
N ALA D 207 19.87 12.91 24.45
CA ALA D 207 20.50 13.82 23.50
C ALA D 207 22.02 13.79 23.61
N GLY D 208 22.56 14.07 24.78
CA GLY D 208 24.00 14.13 24.93
C GLY D 208 24.61 12.92 25.62
N ALA D 209 24.22 11.72 25.16
CA ALA D 209 24.71 10.50 25.80
C ALA D 209 26.22 10.42 25.77
N ALA D 210 26.83 10.72 24.61
CA ALA D 210 28.26 10.54 24.41
C ALA D 210 29.12 11.42 25.30
N SER D 211 28.52 12.43 25.96
CA SER D 211 29.25 13.30 26.86
C SER D 211 29.20 12.85 28.31
N LEU D 212 28.34 11.89 28.63
CA LEU D 212 28.28 11.32 29.97
C LEU D 212 29.59 10.62 30.31
N ASP D 213 29.98 10.69 31.58
CA ASP D 213 31.11 9.90 32.02
C ASP D 213 30.68 8.45 32.22
N ALA D 214 31.65 7.57 32.48
CA ALA D 214 31.36 6.14 32.49
C ALA D 214 30.36 5.75 33.55
N GLY D 215 30.17 6.57 34.57
CA GLY D 215 29.17 6.30 35.57
C GLY D 215 27.77 6.62 35.06
N ASP D 216 27.57 7.88 34.65
CA ASP D 216 26.28 8.28 34.12
C ASP D 216 25.92 7.49 32.87
N PHE D 217 26.91 7.27 31.99
CA PHE D 217 26.66 6.54 30.73
C PHE D 217 26.28 5.09 31.00
N ALA D 218 26.93 4.44 31.97
CA ALA D 218 26.54 3.08 32.31
C ALA D 218 25.15 3.06 32.92
N ALA D 219 24.81 4.09 33.70
CA ALA D 219 23.46 4.20 34.26
C ALA D 219 22.44 4.48 33.18
N MET D 220 22.78 5.36 32.24
CA MET D 220 21.90 5.63 31.10
C MET D 220 21.68 4.38 30.25
N SER D 221 22.69 3.50 30.15
CA SER D 221 22.69 2.47 29.12
C SER D 221 21.74 1.32 29.44
N ALA D 222 21.83 0.75 30.66
CA ALA D 222 20.88 -0.30 31.03
C ALA D 222 19.50 0.25 31.33
N ALA D 223 19.40 1.55 31.65
CA ALA D 223 18.10 2.21 31.67
C ALA D 223 17.43 2.17 30.30
N ALA D 224 18.20 2.43 29.23
CA ALA D 224 17.65 2.64 27.91
C ALA D 224 17.33 1.36 27.14
N PHE D 225 17.66 0.19 27.71
CA PHE D 225 17.50 -1.07 26.99
C PHE D 225 16.64 -2.04 27.78
N ASP D 226 15.97 -2.94 27.05
CA ASP D 226 15.16 -3.99 27.66
C ASP D 226 16.10 -5.08 28.18
N ARG D 227 16.25 -5.17 29.51
CA ARG D 227 17.18 -6.12 30.11
C ARG D 227 16.99 -7.54 29.58
N ASN D 228 15.74 -7.93 29.28
CA ASN D 228 15.48 -9.27 28.79
C ASN D 228 15.86 -9.43 27.32
N TRP D 229 15.69 -8.37 26.51
CA TRP D 229 16.14 -8.44 25.12
C TRP D 229 17.66 -8.51 25.05
N VAL D 230 18.34 -7.74 25.90
CA VAL D 230 19.79 -7.70 25.96
C VAL D 230 20.32 -9.09 26.31
N ALA D 231 20.03 -9.55 27.53
CA ALA D 231 20.47 -10.87 27.97
C ALA D 231 19.99 -11.99 27.05
N GLY D 232 18.95 -11.74 26.25
CA GLY D 232 18.47 -12.71 25.28
C GLY D 232 19.29 -12.81 24.01
N LEU D 233 20.26 -11.92 23.83
CA LEU D 233 21.14 -12.04 22.67
C LEU D 233 22.19 -13.12 22.85
N VAL D 234 22.51 -13.51 24.09
CA VAL D 234 23.43 -14.62 24.43
C VAL D 234 24.74 -14.56 23.62
#